data_3W39
#
_entry.id   3W39
#
_cell.length_a   69.045
_cell.length_b   83.255
_cell.length_c   170.347
_cell.angle_alpha   90.00
_cell.angle_beta   90.00
_cell.angle_gamma   90.00
#
_symmetry.space_group_name_H-M   'P 21 21 21'
#
loop_
_entity.id
_entity.type
_entity.pdbx_description
1 polymer 'HLA class I histocompatibility antigen, B-52 alpha chain'
2 polymer Beta-2-microglobulin
3 polymer 'peptid from Gag-Pol polyprotein'
#
loop_
_entity_poly.entity_id
_entity_poly.type
_entity_poly.pdbx_seq_one_letter_code
_entity_poly.pdbx_strand_id
1 'polypeptide(L)'
;MGSHSMRYFYTAMSRPGRGEPRFIAVGYVDDTQFVRFDSDAASPRTEPRAPWIEQEGPEYWDRETQISKTNTQTYRENLR
IALRYYNQSEAGSHTWQTMYGCDVGPDGRLLRGHNQYAYDGKDYIALNEDLSSWTAADTAAQITQRKWEAAREAEQLRAY
LEGLCVEWLRRHLENGKETLQRADPPKTHVTHHPVSDHEATLRCWALGFYPAEITLTWQRDGEDQTQDTELVETRPAGDR
TFQKWAAVVVPSGEEQRYTCHVQHEGLPKPLTLRWEP
;
A,D
2 'polypeptide(L)'
;MIQRTPKIQVYSRHPAENGKSNFLNCYVSGFHPSDIEVDLLKNGERIEKVEHSDLSFSKDWSFYLLYYTEFTPTEKDEYA
CRVNHVTLSQPKIVKWDRDM
;
B,E
3 'polypeptide(L)' TAFTIPSI C,F
#
# COMPACT_ATOMS: atom_id res chain seq x y z
N MET A 1 -8.97 9.62 -29.34
CA MET A 1 -9.07 9.23 -27.94
C MET A 1 -10.51 9.43 -27.36
N GLY A 2 -11.38 8.44 -27.58
CA GLY A 2 -12.72 8.41 -27.02
C GLY A 2 -13.54 7.14 -27.27
N SER A 3 -12.87 6.00 -27.54
CA SER A 3 -13.51 4.65 -27.60
C SER A 3 -13.61 4.04 -26.22
N HIS A 4 -14.77 4.24 -25.58
CA HIS A 4 -14.97 3.96 -24.18
C HIS A 4 -16.22 3.12 -24.02
N SER A 5 -16.27 2.31 -22.99
CA SER A 5 -17.40 1.43 -22.81
C SER A 5 -17.76 1.32 -21.35
N MET A 6 -19.05 1.38 -21.06
CA MET A 6 -19.57 1.05 -19.74
C MET A 6 -20.02 -0.41 -19.74
N ARG A 7 -19.66 -1.16 -18.71
CA ARG A 7 -19.92 -2.60 -18.69
C ARG A 7 -20.37 -3.10 -17.33
N TYR A 8 -21.48 -3.82 -17.30
CA TYR A 8 -21.93 -4.44 -16.07
C TYR A 8 -21.74 -5.92 -16.16
N PHE A 9 -21.26 -6.53 -15.10
CA PHE A 9 -21.10 -7.97 -15.07
C PHE A 9 -21.88 -8.51 -13.89
N TYR A 10 -22.85 -9.38 -14.15
CA TYR A 10 -23.60 -10.00 -13.06
C TYR A 10 -23.15 -11.45 -12.83
N THR A 11 -23.26 -11.91 -11.58
CA THR A 11 -22.93 -13.26 -11.25
C THR A 11 -23.82 -13.78 -10.14
N ALA A 12 -24.74 -14.67 -10.51
CA ALA A 12 -25.64 -15.33 -9.58
C ALA A 12 -25.26 -16.81 -9.49
N MET A 13 -25.32 -17.35 -8.26
CA MET A 13 -24.93 -18.74 -7.93
C MET A 13 -25.64 -19.38 -6.71
N SER A 14 -26.17 -20.58 -6.92
CA SER A 14 -26.87 -21.28 -5.86
C SER A 14 -25.93 -22.00 -4.91
N ARG A 15 -26.37 -22.09 -3.67
CA ARG A 15 -25.64 -22.84 -2.69
C ARG A 15 -26.56 -23.81 -1.94
N PRO A 16 -26.82 -25.00 -2.52
CA PRO A 16 -27.73 -25.90 -1.81
C PRO A 16 -27.16 -26.41 -0.50
N GLY A 17 -28.05 -26.73 0.43
CA GLY A 17 -27.71 -27.21 1.76
C GLY A 17 -27.36 -26.06 2.66
N ARG A 18 -26.34 -25.29 2.22
CA ARG A 18 -25.68 -24.17 2.96
C ARG A 18 -25.85 -22.76 2.33
N GLY A 19 -27.05 -22.18 2.42
CA GLY A 19 -27.24 -20.84 1.90
C GLY A 19 -28.16 -20.49 0.70
N GLU A 20 -28.81 -19.30 0.75
CA GLU A 20 -29.61 -18.75 -0.38
C GLU A 20 -28.67 -18.37 -1.50
N PRO A 21 -29.22 -18.22 -2.69
CA PRO A 21 -28.36 -17.88 -3.83
C PRO A 21 -27.68 -16.56 -3.56
N ARG A 22 -26.43 -16.40 -4.02
CA ARG A 22 -25.67 -15.15 -3.94
C ARG A 22 -25.71 -14.33 -5.27
N PHE A 23 -26.04 -13.04 -5.20
CA PHE A 23 -25.88 -12.12 -6.35
C PHE A 23 -24.69 -11.14 -6.09
N ILE A 24 -23.76 -11.10 -7.05
CA ILE A 24 -22.58 -10.23 -7.01
C ILE A 24 -22.57 -9.44 -8.29
N ALA A 25 -22.57 -8.11 -8.20
CA ALA A 25 -22.59 -7.27 -9.39
C ALA A 25 -21.41 -6.31 -9.38
N VAL A 26 -20.66 -6.24 -10.48
CA VAL A 26 -19.63 -5.20 -10.67
C VAL A 26 -19.91 -4.37 -11.94
N GLY A 27 -19.44 -3.11 -11.95
CA GLY A 27 -19.60 -2.21 -13.08
C GLY A 27 -18.28 -1.58 -13.46
N TYR A 28 -18.01 -1.51 -14.75
CA TYR A 28 -16.76 -0.96 -15.22
C TYR A 28 -17.02 0.18 -16.16
N VAL A 29 -16.11 1.13 -16.21
CA VAL A 29 -15.99 1.98 -17.37
C VAL A 29 -14.58 1.72 -17.84
N ASP A 30 -14.49 1.07 -18.98
CA ASP A 30 -13.25 0.55 -19.50
C ASP A 30 -12.62 -0.41 -18.49
N ASP A 31 -11.34 -0.24 -18.21
CA ASP A 31 -10.61 -1.11 -17.28
C ASP A 31 -10.69 -0.63 -15.84
N THR A 32 -11.55 0.35 -15.59
CA THR A 32 -11.67 0.93 -14.26
C THR A 32 -12.98 0.56 -13.59
N GLN A 33 -12.91 -0.34 -12.60
CA GLN A 33 -14.10 -0.67 -11.79
C GLN A 33 -14.62 0.62 -11.05
N PHE A 34 -15.96 0.81 -10.97
CA PHE A 34 -16.50 1.94 -10.19
C PHE A 34 -17.66 1.60 -9.25
N VAL A 35 -18.19 0.38 -9.40
CA VAL A 35 -19.24 -0.11 -8.52
C VAL A 35 -19.09 -1.60 -8.11
N ARG A 36 -19.98 -2.02 -7.22
CA ARG A 36 -19.91 -3.31 -6.56
C ARG A 36 -21.21 -3.52 -5.79
N PHE A 37 -21.95 -4.58 -6.08
CA PHE A 37 -23.05 -4.95 -5.20
C PHE A 37 -22.81 -6.40 -4.75
N ASP A 38 -23.23 -6.75 -3.55
CA ASP A 38 -23.14 -8.12 -3.06
C ASP A 38 -24.34 -8.42 -2.17
N SER A 39 -25.20 -9.36 -2.56
CA SER A 39 -26.40 -9.67 -1.76
C SER A 39 -26.08 -10.41 -0.44
N ASP A 40 -24.83 -10.85 -0.30
CA ASP A 40 -24.37 -11.66 0.86
C ASP A 40 -23.75 -10.84 1.99
N ALA A 41 -24.12 -9.56 2.11
CA ALA A 41 -23.52 -8.68 3.11
C ALA A 41 -24.60 -8.08 4.03
N ALA A 42 -24.15 -7.35 5.07
CA ALA A 42 -25.00 -6.56 6.00
C ALA A 42 -25.87 -5.51 5.26
N SER A 43 -27.19 -5.75 5.19
CA SER A 43 -28.10 -5.00 4.30
C SER A 43 -27.43 -4.48 3.03
N PRO A 44 -27.18 -5.41 2.08
CA PRO A 44 -26.64 -5.13 0.75
C PRO A 44 -27.02 -3.74 0.18
N ARG A 45 -25.99 -3.00 -0.24
CA ARG A 45 -26.15 -1.79 -1.03
C ARG A 45 -25.02 -1.67 -2.05
N THR A 46 -25.26 -0.99 -3.16
CA THR A 46 -24.19 -0.79 -4.14
C THR A 46 -23.28 0.36 -3.66
N GLU A 47 -21.98 0.17 -3.86
CA GLU A 47 -20.93 1.00 -3.27
C GLU A 47 -19.96 1.48 -4.34
N PRO A 48 -19.40 2.67 -4.14
CA PRO A 48 -18.40 3.22 -5.07
C PRO A 48 -17.06 2.47 -5.02
N ARG A 49 -16.46 2.24 -6.20
CA ARG A 49 -15.09 1.69 -6.25
C ARG A 49 -14.21 2.64 -7.03
N ALA A 50 -14.69 3.87 -7.24
CA ALA A 50 -13.93 4.88 -7.95
C ALA A 50 -14.13 6.26 -7.26
N PRO A 51 -13.31 7.26 -7.61
CA PRO A 51 -13.45 8.49 -6.82
C PRO A 51 -14.58 9.34 -7.39
N TRP A 52 -14.63 9.48 -8.69
CA TRP A 52 -15.60 10.35 -9.33
C TRP A 52 -17.03 9.86 -9.24
N ILE A 53 -17.32 8.88 -8.40
CA ILE A 53 -18.67 8.36 -8.40
C ILE A 53 -19.31 8.61 -7.04
N GLU A 54 -18.46 9.00 -6.09
CA GLU A 54 -18.90 9.31 -4.74
C GLU A 54 -19.54 10.71 -4.67
N GLN A 55 -19.36 11.45 -5.75
CA GLN A 55 -19.98 12.74 -5.95
C GLN A 55 -21.49 12.62 -6.20
N GLU A 56 -21.95 11.41 -6.55
CA GLU A 56 -23.35 11.11 -6.83
C GLU A 56 -24.12 10.98 -5.53
N GLY A 57 -25.24 11.71 -5.41
CA GLY A 57 -26.07 11.66 -4.20
C GLY A 57 -26.57 10.27 -3.81
N PRO A 58 -27.29 10.18 -2.67
CA PRO A 58 -27.91 8.91 -2.32
C PRO A 58 -29.04 8.60 -3.32
N GLU A 59 -29.31 9.51 -4.23
CA GLU A 59 -30.23 9.20 -5.31
C GLU A 59 -29.68 8.04 -6.15
N TYR A 60 -28.40 8.11 -6.50
CA TYR A 60 -27.81 7.12 -7.36
C TYR A 60 -27.86 5.86 -6.57
N TRP A 61 -27.30 5.93 -5.35
CA TRP A 61 -27.07 4.73 -4.55
C TRP A 61 -28.34 3.98 -4.23
N ASP A 62 -29.40 4.73 -3.98
CA ASP A 62 -30.66 4.14 -3.63
C ASP A 62 -31.26 3.44 -4.84
N ARG A 63 -31.34 4.15 -5.96
CA ARG A 63 -31.82 3.61 -7.23
C ARG A 63 -31.06 2.40 -7.65
N GLU A 64 -29.74 2.46 -7.48
CA GLU A 64 -28.80 1.42 -7.93
C GLU A 64 -28.79 0.20 -7.03
N THR A 65 -29.12 0.41 -5.76
CA THR A 65 -29.16 -0.68 -4.79
C THR A 65 -30.40 -1.55 -5.01
N GLN A 66 -31.53 -0.87 -5.26
CA GLN A 66 -32.85 -1.49 -5.49
C GLN A 66 -32.87 -2.24 -6.81
N ILE A 67 -32.21 -1.67 -7.80
CA ILE A 67 -32.05 -2.33 -9.05
C ILE A 67 -31.38 -3.69 -8.81
N SER A 68 -30.31 -3.68 -8.05
CA SER A 68 -29.63 -4.90 -7.76
C SER A 68 -30.51 -5.79 -6.87
N LYS A 69 -31.22 -5.20 -5.90
CA LYS A 69 -32.04 -5.97 -4.96
C LYS A 69 -33.17 -6.69 -5.69
N THR A 70 -33.53 -6.19 -6.86
CA THR A 70 -34.61 -6.79 -7.63
C THR A 70 -33.97 -7.79 -8.60
N ASN A 71 -32.84 -7.38 -9.18
CA ASN A 71 -32.03 -8.27 -9.99
C ASN A 71 -31.60 -9.48 -9.19
N THR A 72 -31.32 -9.28 -7.90
CA THR A 72 -31.09 -10.44 -7.04
C THR A 72 -32.33 -11.40 -7.09
N GLN A 73 -33.54 -10.86 -6.84
CA GLN A 73 -34.76 -11.63 -6.83
C GLN A 73 -34.97 -12.28 -8.14
N THR A 74 -34.55 -11.60 -9.18
CA THR A 74 -34.70 -12.13 -10.51
C THR A 74 -33.79 -13.35 -10.72
N TYR A 75 -32.53 -13.24 -10.31
CA TYR A 75 -31.55 -14.32 -10.48
C TYR A 75 -31.74 -15.53 -9.55
N ARG A 76 -32.58 -15.35 -8.55
CA ARG A 76 -32.96 -16.47 -7.72
C ARG A 76 -33.98 -17.37 -8.43
N GLU A 77 -34.87 -16.75 -9.25
CA GLU A 77 -35.80 -17.41 -10.19
C GLU A 77 -35.07 -18.06 -11.37
N ASN A 78 -34.22 -17.28 -12.01
CA ASN A 78 -33.35 -17.79 -13.06
C ASN A 78 -32.59 -19.10 -12.68
N LEU A 79 -32.21 -19.24 -11.41
CA LEU A 79 -31.61 -20.48 -10.93
C LEU A 79 -32.65 -21.61 -10.81
N ARG A 80 -33.80 -21.31 -10.21
CA ARG A 80 -34.94 -22.24 -10.08
C ARG A 80 -35.67 -22.55 -11.42
N ILE A 81 -35.63 -21.61 -12.37
CA ILE A 81 -36.19 -21.87 -13.68
C ILE A 81 -35.26 -22.79 -14.47
N ALA A 82 -33.97 -22.44 -14.49
CA ALA A 82 -32.97 -23.26 -15.22
C ALA A 82 -32.87 -24.70 -14.69
N LEU A 83 -33.37 -24.93 -13.47
CA LEU A 83 -33.54 -26.27 -12.94
C LEU A 83 -34.55 -27.03 -13.79
N ARG A 84 -35.72 -26.41 -14.02
CA ARG A 84 -36.79 -26.99 -14.87
C ARG A 84 -36.35 -27.25 -16.30
N TYR A 85 -35.90 -26.16 -16.95
CA TYR A 85 -35.37 -26.15 -18.30
C TYR A 85 -34.30 -27.23 -18.57
N TYR A 86 -33.42 -27.52 -17.58
CA TYR A 86 -32.28 -28.47 -17.74
C TYR A 86 -32.46 -29.84 -17.04
N ASN A 87 -33.66 -30.03 -16.50
CA ASN A 87 -34.03 -31.22 -15.73
C ASN A 87 -32.89 -31.58 -14.77
N GLN A 88 -32.75 -30.71 -13.75
CA GLN A 88 -31.75 -30.73 -12.68
C GLN A 88 -32.39 -30.54 -11.29
N SER A 89 -31.75 -31.19 -10.31
CA SER A 89 -32.19 -31.23 -8.91
C SER A 89 -31.71 -30.08 -8.06
N GLU A 90 -32.36 -29.91 -6.91
CA GLU A 90 -32.05 -28.81 -5.97
C GLU A 90 -30.83 -29.15 -5.20
N ALA A 91 -29.88 -29.82 -5.86
CA ALA A 91 -28.75 -30.46 -5.20
C ALA A 91 -27.43 -29.88 -5.69
N GLY A 92 -27.31 -29.74 -7.00
CA GLY A 92 -26.11 -29.17 -7.57
C GLY A 92 -26.06 -27.65 -7.47
N SER A 93 -24.83 -27.13 -7.41
CA SER A 93 -24.54 -25.70 -7.46
C SER A 93 -24.48 -25.28 -8.93
N HIS A 94 -25.45 -24.52 -9.38
CA HIS A 94 -25.39 -23.98 -10.74
C HIS A 94 -25.20 -22.43 -10.80
N THR A 95 -24.87 -21.92 -11.99
CA THR A 95 -24.30 -20.56 -12.11
C THR A 95 -24.73 -19.71 -13.33
N TRP A 96 -25.32 -18.55 -13.02
CA TRP A 96 -25.65 -17.56 -14.00
C TRP A 96 -24.58 -16.48 -14.07
N GLN A 97 -24.17 -16.15 -15.30
CA GLN A 97 -23.40 -14.96 -15.62
C GLN A 97 -24.12 -14.06 -16.67
N THR A 98 -23.98 -12.73 -16.56
CA THR A 98 -24.55 -11.76 -17.53
C THR A 98 -23.64 -10.56 -17.84
N MET A 99 -23.44 -10.29 -19.12
CA MET A 99 -22.72 -9.07 -19.42
C MET A 99 -23.59 -8.24 -20.32
N TYR A 100 -23.99 -7.08 -19.79
CA TYR A 100 -24.53 -5.99 -20.59
C TYR A 100 -23.67 -4.75 -20.58
N GLY A 101 -23.96 -3.86 -21.54
CA GLY A 101 -23.21 -2.61 -21.72
C GLY A 101 -23.22 -1.92 -23.10
N CYS A 102 -22.38 -0.91 -23.26
CA CYS A 102 -22.30 -0.15 -24.51
C CYS A 102 -20.95 0.51 -24.76
N ASP A 103 -20.38 0.16 -25.90
CA ASP A 103 -19.25 0.86 -26.47
C ASP A 103 -19.77 2.16 -27.07
N VAL A 104 -18.87 3.13 -27.22
CA VAL A 104 -19.23 4.49 -27.59
C VAL A 104 -18.03 5.09 -28.34
N GLY A 105 -18.29 5.86 -29.38
CA GLY A 105 -17.18 6.46 -30.10
C GLY A 105 -16.59 7.66 -29.38
N PRO A 106 -15.54 8.27 -29.94
CA PRO A 106 -14.95 9.55 -29.46
C PRO A 106 -15.88 10.77 -29.62
N ASP A 107 -16.94 10.60 -30.40
CA ASP A 107 -18.00 11.59 -30.52
C ASP A 107 -19.08 11.41 -29.45
N GLY A 108 -19.03 10.29 -28.72
CA GLY A 108 -19.91 10.02 -27.60
C GLY A 108 -21.22 9.33 -27.94
N ARG A 109 -21.33 8.85 -29.19
CA ARG A 109 -22.56 8.24 -29.70
C ARG A 109 -22.45 6.72 -29.63
N LEU A 110 -23.59 6.03 -29.54
CA LEU A 110 -23.60 4.57 -29.46
C LEU A 110 -22.86 3.97 -30.65
N LEU A 111 -22.15 2.87 -30.37
CA LEU A 111 -21.26 2.26 -31.35
C LEU A 111 -21.52 0.75 -31.42
N ARG A 112 -21.74 0.15 -30.24
CA ARG A 112 -22.09 -1.27 -30.06
C ARG A 112 -22.94 -1.46 -28.80
N GLY A 113 -23.84 -2.44 -28.83
CA GLY A 113 -24.60 -2.77 -27.64
C GLY A 113 -24.29 -4.20 -27.25
N HIS A 114 -24.41 -4.50 -25.96
CA HIS A 114 -24.17 -5.86 -25.47
C HIS A 114 -25.21 -6.34 -24.47
N ASN A 115 -25.70 -7.56 -24.68
CA ASN A 115 -26.32 -8.29 -23.60
C ASN A 115 -26.19 -9.75 -23.88
N GLN A 116 -25.77 -10.52 -22.88
CA GLN A 116 -25.54 -11.93 -23.08
C GLN A 116 -25.53 -12.70 -21.79
N TYR A 117 -26.02 -13.93 -21.84
CA TYR A 117 -26.06 -14.77 -20.64
C TYR A 117 -25.20 -16.06 -20.77
N ALA A 118 -25.01 -16.76 -19.65
CA ALA A 118 -24.29 -18.04 -19.67
C ALA A 118 -24.66 -18.84 -18.43
N TYR A 119 -25.22 -20.03 -18.64
CA TYR A 119 -25.49 -20.94 -17.54
C TYR A 119 -24.30 -21.84 -17.52
N ASP A 120 -23.67 -21.94 -16.33
CA ASP A 120 -22.51 -22.78 -16.02
C ASP A 120 -21.31 -22.63 -16.99
N GLY A 121 -21.11 -21.42 -17.50
CA GLY A 121 -19.98 -21.12 -18.37
C GLY A 121 -20.20 -21.47 -19.84
N LYS A 122 -21.38 -22.00 -20.15
CA LYS A 122 -21.83 -22.20 -21.53
C LYS A 122 -22.71 -21.00 -21.85
N ASP A 123 -22.48 -20.41 -23.01
CA ASP A 123 -23.38 -19.41 -23.55
C ASP A 123 -24.81 -19.90 -23.55
N TYR A 124 -25.69 -19.06 -23.07
CA TYR A 124 -27.09 -19.41 -23.06
C TYR A 124 -27.87 -18.53 -24.01
N ILE A 125 -27.86 -17.22 -23.82
CA ILE A 125 -28.50 -16.38 -24.82
C ILE A 125 -27.69 -15.12 -25.02
N ALA A 126 -27.82 -14.50 -26.19
CA ALA A 126 -27.05 -13.31 -26.49
C ALA A 126 -27.79 -12.42 -27.47
N LEU A 127 -28.23 -11.27 -27.00
CA LEU A 127 -28.77 -10.28 -27.87
C LEU A 127 -27.77 -9.93 -28.97
N ASN A 128 -28.24 -9.89 -30.20
CA ASN A 128 -27.36 -9.62 -31.33
C ASN A 128 -27.00 -8.16 -31.49
N GLU A 129 -26.08 -7.90 -32.40
CA GLU A 129 -25.63 -6.55 -32.74
C GLU A 129 -26.74 -5.52 -33.09
N ASP A 130 -27.82 -6.00 -33.73
CA ASP A 130 -28.89 -5.11 -34.16
C ASP A 130 -29.72 -4.58 -33.01
N LEU A 131 -29.53 -5.17 -31.84
CA LEU A 131 -30.33 -4.84 -30.67
C LEU A 131 -31.82 -5.07 -30.97
N SER A 132 -32.14 -6.13 -31.71
CA SER A 132 -33.52 -6.43 -32.08
C SER A 132 -33.85 -7.95 -32.17
N SER A 133 -32.80 -8.76 -32.28
CA SER A 133 -33.01 -10.19 -32.38
C SER A 133 -32.19 -10.86 -31.32
N TRP A 134 -32.33 -12.17 -31.17
CA TRP A 134 -31.56 -12.93 -30.17
C TRP A 134 -30.70 -14.06 -30.74
N THR A 135 -29.83 -14.67 -29.93
CA THR A 135 -29.09 -15.90 -30.33
C THR A 135 -29.05 -16.98 -29.21
N ALA A 136 -30.08 -17.84 -29.15
CA ALA A 136 -30.11 -18.92 -28.18
C ALA A 136 -29.05 -19.99 -28.53
N ALA A 137 -28.43 -20.60 -27.52
CA ALA A 137 -27.31 -21.56 -27.71
C ALA A 137 -27.76 -23.04 -27.71
N ASP A 138 -28.96 -23.27 -27.18
CA ASP A 138 -29.53 -24.59 -27.18
C ASP A 138 -31.03 -24.50 -27.09
N THR A 139 -31.67 -25.64 -27.13
CA THR A 139 -33.11 -25.70 -27.25
C THR A 139 -33.80 -25.17 -26.01
N ALA A 140 -33.07 -25.19 -24.90
CA ALA A 140 -33.53 -24.67 -23.60
C ALA A 140 -33.47 -23.13 -23.51
N ALA A 141 -32.58 -22.53 -24.31
CA ALA A 141 -32.45 -21.09 -24.40
C ALA A 141 -33.47 -20.54 -25.38
N GLN A 142 -34.00 -21.44 -26.20
CA GLN A 142 -35.00 -21.12 -27.17
C GLN A 142 -36.35 -20.94 -26.49
N ILE A 143 -36.60 -21.70 -25.43
CA ILE A 143 -37.76 -21.40 -24.58
C ILE A 143 -37.79 -19.92 -24.14
N THR A 144 -36.60 -19.40 -23.80
CA THR A 144 -36.41 -18.02 -23.35
C THR A 144 -36.42 -17.04 -24.48
N GLN A 145 -35.85 -17.45 -25.60
CA GLN A 145 -35.93 -16.68 -26.84
C GLN A 145 -37.36 -16.38 -27.25
N ARG A 146 -38.26 -17.33 -27.09
CA ARG A 146 -39.59 -16.99 -27.52
C ARG A 146 -40.41 -16.31 -26.44
N LYS A 147 -40.05 -16.54 -25.19
CA LYS A 147 -40.62 -15.74 -24.09
C LYS A 147 -40.38 -14.25 -24.32
N TRP A 148 -39.18 -13.94 -24.75
CA TRP A 148 -38.74 -12.58 -24.82
C TRP A 148 -39.12 -11.98 -26.12
N GLU A 149 -39.31 -12.80 -27.16
CA GLU A 149 -39.78 -12.24 -28.42
C GLU A 149 -41.26 -11.85 -28.29
N ALA A 150 -41.97 -12.71 -27.59
CA ALA A 150 -43.35 -12.48 -27.22
C ALA A 150 -43.51 -11.45 -26.08
N ALA A 151 -42.59 -10.50 -25.95
CA ALA A 151 -42.60 -9.66 -24.75
C ALA A 151 -41.89 -8.37 -25.07
N ARG A 152 -41.29 -8.35 -26.27
CA ARG A 152 -40.58 -7.17 -26.76
C ARG A 152 -39.49 -6.73 -25.77
N GLU A 153 -38.69 -7.68 -25.29
CA GLU A 153 -37.57 -7.38 -24.40
C GLU A 153 -36.48 -6.69 -25.21
N ALA A 154 -36.10 -7.24 -26.36
CA ALA A 154 -35.12 -6.58 -27.24
C ALA A 154 -35.42 -5.09 -27.51
N GLU A 155 -36.64 -4.63 -27.24
CA GLU A 155 -36.97 -3.20 -27.31
C GLU A 155 -36.57 -2.49 -26.00
N GLN A 156 -36.99 -3.04 -24.85
CA GLN A 156 -36.71 -2.49 -23.53
C GLN A 156 -35.21 -2.32 -23.31
N LEU A 157 -34.47 -3.20 -23.94
CA LEU A 157 -33.02 -3.28 -23.77
C LEU A 157 -32.36 -2.25 -24.68
N ARG A 158 -32.79 -2.20 -25.94
CA ARG A 158 -32.22 -1.27 -26.89
C ARG A 158 -32.36 0.14 -26.34
N ALA A 159 -33.47 0.37 -25.64
CA ALA A 159 -33.78 1.69 -25.09
C ALA A 159 -32.73 2.09 -24.06
N TYR A 160 -32.40 1.13 -23.21
CA TYR A 160 -31.48 1.38 -22.14
C TYR A 160 -30.12 1.55 -22.77
N LEU A 161 -29.83 0.73 -23.77
CA LEU A 161 -28.50 0.73 -24.39
C LEU A 161 -28.25 1.99 -25.18
N GLU A 162 -29.27 2.40 -25.96
CA GLU A 162 -29.16 3.61 -26.80
C GLU A 162 -29.39 4.89 -26.01
N GLY A 163 -30.19 4.78 -24.95
CA GLY A 163 -30.48 5.89 -24.06
C GLY A 163 -29.67 6.03 -22.79
N LEU A 164 -30.16 5.41 -21.73
CA LEU A 164 -29.52 5.50 -20.43
C LEU A 164 -28.08 5.03 -20.40
N CYS A 165 -27.73 4.00 -21.15
CA CYS A 165 -26.35 3.51 -21.06
C CYS A 165 -25.37 4.52 -21.60
N VAL A 166 -25.69 5.05 -22.76
CA VAL A 166 -24.84 6.03 -23.42
C VAL A 166 -24.79 7.40 -22.70
N GLU A 167 -25.93 7.84 -22.17
CA GLU A 167 -25.97 9.11 -21.44
C GLU A 167 -25.11 9.06 -20.15
N TRP A 168 -25.30 8.01 -19.34
CA TRP A 168 -24.54 7.82 -18.10
C TRP A 168 -23.08 7.55 -18.36
N LEU A 169 -22.77 6.87 -19.46
CA LEU A 169 -21.37 6.67 -19.80
C LEU A 169 -20.69 8.04 -19.99
N ARG A 170 -21.36 8.97 -20.67
CA ARG A 170 -20.81 10.32 -20.91
C ARG A 170 -20.70 11.16 -19.62
N ARG A 171 -21.66 11.01 -18.73
CA ARG A 171 -21.56 11.52 -17.37
C ARG A 171 -20.24 11.06 -16.70
N HIS A 172 -20.08 9.74 -16.63
CA HIS A 172 -18.93 9.06 -16.00
C HIS A 172 -17.58 9.54 -16.57
N LEU A 173 -17.48 9.48 -17.91
CA LEU A 173 -16.31 9.96 -18.62
C LEU A 173 -15.94 11.40 -18.22
N GLU A 174 -16.96 12.27 -18.06
CA GLU A 174 -16.79 13.69 -17.75
C GLU A 174 -16.38 13.95 -16.29
N ASN A 175 -17.10 13.33 -15.38
CA ASN A 175 -16.86 13.44 -13.94
C ASN A 175 -15.48 12.92 -13.53
N GLY A 176 -15.00 11.93 -14.28
CA GLY A 176 -13.65 11.45 -14.11
C GLY A 176 -12.84 11.51 -15.39
N LYS A 177 -12.61 12.72 -15.92
CA LYS A 177 -11.89 12.86 -17.18
C LYS A 177 -10.46 12.31 -17.09
N GLU A 178 -9.72 12.80 -16.08
CA GLU A 178 -8.30 12.45 -15.92
C GLU A 178 -8.12 11.00 -15.55
N THR A 179 -9.07 10.44 -14.81
CA THR A 179 -8.98 9.06 -14.34
C THR A 179 -9.35 8.00 -15.42
N LEU A 180 -10.24 8.37 -16.35
CA LEU A 180 -10.81 7.43 -17.35
C LEU A 180 -10.23 7.57 -18.76
N GLN A 181 -10.14 8.81 -19.20
CA GLN A 181 -9.60 9.17 -20.51
C GLN A 181 -8.14 9.55 -20.38
N ARG A 182 -7.38 8.66 -19.75
CA ARG A 182 -5.95 8.85 -19.68
C ARG A 182 -5.24 7.51 -19.73
N ALA A 183 -4.24 7.46 -20.61
CA ALA A 183 -3.44 6.29 -20.85
C ALA A 183 -1.99 6.56 -20.44
N ASP A 184 -1.60 5.98 -19.29
CA ASP A 184 -0.22 6.03 -18.77
C ASP A 184 0.65 4.87 -19.20
N PRO A 185 1.76 5.20 -19.87
CA PRO A 185 2.65 4.23 -20.51
C PRO A 185 3.25 3.33 -19.46
N PRO A 186 3.93 2.26 -19.85
CA PRO A 186 4.57 1.43 -18.82
C PRO A 186 5.93 1.96 -18.37
N LYS A 187 6.38 1.47 -17.23
CA LYS A 187 7.78 1.61 -16.86
C LYS A 187 8.54 0.31 -17.22
N THR A 188 9.20 0.33 -18.37
CA THR A 188 9.84 -0.88 -18.90
C THR A 188 11.31 -1.05 -18.47
N HIS A 189 11.72 -2.32 -18.35
CA HIS A 189 13.11 -2.68 -18.10
C HIS A 189 13.42 -4.15 -18.41
N VAL A 190 14.70 -4.44 -18.55
CA VAL A 190 15.17 -5.79 -18.82
C VAL A 190 16.03 -6.32 -17.65
N THR A 191 15.69 -7.50 -17.16
CA THR A 191 16.50 -8.14 -16.13
C THR A 191 17.21 -9.39 -16.66
N HIS A 192 18.26 -9.77 -15.95
CA HIS A 192 19.10 -10.86 -16.38
C HIS A 192 19.10 -11.99 -15.37
N HIS A 193 18.80 -13.20 -15.83
CA HIS A 193 18.65 -14.30 -14.91
C HIS A 193 19.38 -15.59 -15.35
N PRO A 194 20.70 -15.68 -15.03
CA PRO A 194 21.53 -16.86 -15.36
C PRO A 194 20.92 -18.17 -14.84
N VAL A 195 20.38 -19.00 -15.74
CA VAL A 195 19.75 -20.27 -15.40
C VAL A 195 20.72 -21.45 -15.50
N SER A 196 21.96 -21.13 -15.85
CA SER A 196 22.99 -22.13 -16.10
C SER A 196 24.37 -21.45 -15.88
N ASP A 197 25.45 -22.17 -16.19
CA ASP A 197 26.77 -21.59 -16.37
C ASP A 197 26.81 -21.00 -17.77
N HIS A 198 25.78 -21.38 -18.51
CA HIS A 198 25.83 -21.45 -19.95
C HIS A 198 24.89 -20.45 -20.58
N GLU A 199 23.63 -20.53 -20.15
CA GLU A 199 22.60 -19.69 -20.70
C GLU A 199 21.92 -18.92 -19.58
N ALA A 200 21.02 -18.01 -19.96
CA ALA A 200 20.41 -17.09 -19.01
C ALA A 200 18.98 -16.69 -19.42
N THR A 201 18.22 -16.14 -18.48
CA THR A 201 16.89 -15.65 -18.78
C THR A 201 16.87 -14.14 -18.82
N LEU A 202 16.55 -13.62 -20.01
CA LEU A 202 16.24 -12.21 -20.24
C LEU A 202 14.75 -12.04 -20.12
N ARG A 203 14.38 -11.21 -19.16
CA ARG A 203 12.99 -10.93 -18.88
C ARG A 203 12.67 -9.44 -19.08
N CYS A 204 11.59 -9.18 -19.81
CA CYS A 204 11.20 -7.82 -20.14
C CYS A 204 9.94 -7.39 -19.40
N TRP A 205 10.06 -6.28 -18.66
CA TRP A 205 8.98 -5.81 -17.80
C TRP A 205 8.14 -4.63 -18.32
N ALA A 206 6.86 -4.67 -18.00
CA ALA A 206 5.98 -3.56 -18.26
C ALA A 206 5.20 -3.36 -16.98
N LEU A 207 5.40 -2.21 -16.34
CA LEU A 207 4.81 -1.91 -15.02
C LEU A 207 3.95 -0.61 -14.98
N GLY A 208 2.83 -0.68 -14.26
CA GLY A 208 2.06 0.51 -13.97
C GLY A 208 1.51 1.18 -15.20
N PHE A 209 1.03 0.39 -16.16
CA PHE A 209 0.39 0.99 -17.31
C PHE A 209 -1.13 0.97 -17.18
N TYR A 210 -1.76 1.84 -17.95
CA TYR A 210 -3.20 1.85 -18.09
C TYR A 210 -3.46 2.42 -19.47
N PRO A 211 -4.39 1.83 -20.23
CA PRO A 211 -5.16 0.63 -19.88
C PRO A 211 -4.42 -0.71 -20.01
N ALA A 212 -5.18 -1.77 -19.81
CA ALA A 212 -4.63 -3.11 -19.79
C ALA A 212 -4.07 -3.55 -21.14
N GLU A 213 -4.58 -2.98 -22.24
CA GLU A 213 -4.08 -3.32 -23.56
C GLU A 213 -2.59 -3.00 -23.70
N ILE A 214 -1.80 -4.05 -23.92
CA ILE A 214 -0.35 -3.95 -24.16
C ILE A 214 0.14 -5.09 -25.08
N THR A 215 1.27 -4.86 -25.74
CA THR A 215 1.87 -5.86 -26.63
C THR A 215 3.39 -5.94 -26.47
N LEU A 216 3.85 -6.81 -25.57
CA LEU A 216 5.28 -7.11 -25.42
C LEU A 216 5.67 -8.25 -26.37
N THR A 217 6.85 -8.14 -26.99
CA THR A 217 7.48 -9.25 -27.74
C THR A 217 9.02 -9.28 -27.66
N TRP A 218 9.58 -10.47 -27.88
CA TRP A 218 11.03 -10.67 -27.99
C TRP A 218 11.51 -10.79 -29.43
N GLN A 219 12.62 -10.12 -29.74
CA GLN A 219 13.19 -10.21 -31.07
C GLN A 219 14.70 -10.42 -31.05
N ARG A 220 15.11 -11.56 -31.60
CA ARG A 220 16.52 -11.87 -31.78
C ARG A 220 16.99 -11.54 -33.19
N ASP A 221 17.88 -10.55 -33.24
CA ASP A 221 18.39 -9.99 -34.48
C ASP A 221 17.27 -9.49 -35.40
N GLY A 222 16.20 -8.97 -34.83
CA GLY A 222 15.14 -8.43 -35.64
C GLY A 222 14.24 -9.51 -36.19
N GLU A 223 14.03 -10.57 -35.42
CA GLU A 223 13.02 -11.55 -35.82
C GLU A 223 12.17 -12.09 -34.67
N ASP A 224 10.91 -12.34 -35.02
CA ASP A 224 9.82 -12.80 -34.16
C ASP A 224 10.14 -14.09 -33.41
N GLN A 225 10.46 -13.98 -32.12
CA GLN A 225 10.74 -15.15 -31.28
C GLN A 225 9.44 -15.61 -30.64
N THR A 226 8.38 -15.70 -31.45
CA THR A 226 7.03 -15.97 -30.98
C THR A 226 6.88 -17.34 -30.28
N GLN A 227 7.41 -18.40 -30.89
CA GLN A 227 7.29 -19.74 -30.30
C GLN A 227 8.15 -19.92 -29.06
N ASP A 228 9.13 -19.04 -28.90
CA ASP A 228 10.14 -19.17 -27.83
C ASP A 228 10.14 -18.07 -26.77
N THR A 229 9.01 -17.40 -26.60
CA THR A 229 8.89 -16.36 -25.58
C THR A 229 7.89 -16.79 -24.50
N GLU A 230 8.26 -16.60 -23.23
CA GLU A 230 7.32 -16.85 -22.15
C GLU A 230 6.55 -15.59 -21.82
N LEU A 231 5.24 -15.67 -22.06
CA LEU A 231 4.34 -14.56 -21.81
C LEU A 231 3.38 -14.90 -20.69
N VAL A 232 3.26 -13.98 -19.73
CA VAL A 232 2.30 -14.11 -18.66
C VAL A 232 1.04 -13.25 -18.94
N GLU A 233 -0.09 -13.71 -18.42
CA GLU A 233 -1.35 -12.99 -18.50
C GLU A 233 -1.18 -11.58 -17.89
N THR A 234 -1.62 -10.55 -18.62
CA THR A 234 -1.61 -9.19 -18.08
C THR A 234 -2.39 -9.16 -16.74
N ARG A 235 -1.71 -8.69 -15.70
CA ARG A 235 -2.19 -8.82 -14.34
C ARG A 235 -2.33 -7.45 -13.68
N PRO A 236 -3.17 -7.37 -12.63
CA PRO A 236 -3.41 -6.10 -11.96
C PRO A 236 -2.40 -5.89 -10.88
N ALA A 237 -1.94 -4.67 -10.68
CA ALA A 237 -1.01 -4.50 -9.60
C ALA A 237 -1.73 -4.35 -8.25
N GLY A 238 -3.00 -3.98 -8.26
CA GLY A 238 -3.69 -3.64 -7.04
C GLY A 238 -3.90 -2.14 -6.87
N ASP A 239 -3.64 -1.39 -7.94
CA ASP A 239 -3.69 0.05 -7.87
C ASP A 239 -4.10 0.74 -9.19
N ARG A 240 -5.31 0.47 -9.70
CA ARG A 240 -5.71 0.84 -11.08
C ARG A 240 -4.71 0.43 -12.21
N THR A 241 -3.43 0.19 -11.88
CA THR A 241 -2.45 -0.20 -12.89
C THR A 241 -2.29 -1.70 -13.06
N PHE A 242 -1.66 -2.03 -14.18
CA PHE A 242 -1.38 -3.40 -14.58
C PHE A 242 0.11 -3.67 -14.81
N GLN A 243 0.45 -4.96 -14.83
CA GLN A 243 1.76 -5.44 -15.27
C GLN A 243 1.65 -6.56 -16.30
N LYS A 244 2.81 -7.08 -16.68
CA LYS A 244 2.99 -8.07 -17.74
C LYS A 244 4.49 -8.17 -18.00
N TRP A 245 5.02 -9.38 -18.01
CA TRP A 245 6.37 -9.54 -18.51
C TRP A 245 6.47 -10.57 -19.64
N ALA A 246 7.40 -10.30 -20.54
CA ALA A 246 7.82 -11.29 -21.52
C ALA A 246 9.23 -11.74 -21.14
N ALA A 247 9.49 -13.03 -21.28
CA ALA A 247 10.82 -13.56 -20.95
C ALA A 247 11.28 -14.59 -21.99
N VAL A 248 12.58 -14.53 -22.30
CA VAL A 248 13.17 -15.44 -23.28
C VAL A 248 14.46 -16.00 -22.74
N VAL A 249 14.80 -17.20 -23.22
CA VAL A 249 15.97 -17.93 -22.76
C VAL A 249 17.11 -17.87 -23.78
N VAL A 250 18.14 -17.08 -23.50
CA VAL A 250 19.22 -16.86 -24.46
C VAL A 250 20.53 -17.54 -24.03
N PRO A 251 21.51 -17.66 -24.96
CA PRO A 251 22.88 -18.06 -24.61
C PRO A 251 23.58 -17.07 -23.67
N SER A 252 24.88 -16.91 -23.83
CA SER A 252 25.60 -15.91 -23.02
C SER A 252 26.56 -15.08 -23.88
N GLY A 253 26.37 -13.77 -23.88
CA GLY A 253 27.14 -12.91 -24.75
C GLY A 253 26.29 -12.52 -25.95
N GLU A 254 25.45 -13.47 -26.37
CA GLU A 254 24.46 -13.23 -27.42
C GLU A 254 23.28 -12.42 -26.90
N GLU A 255 23.46 -11.71 -25.80
CA GLU A 255 22.36 -11.05 -25.12
C GLU A 255 21.89 -9.78 -25.82
N GLN A 256 22.85 -9.05 -26.37
CA GLN A 256 22.54 -7.85 -27.12
C GLN A 256 21.96 -8.15 -28.51
N ARG A 257 21.83 -9.44 -28.82
CA ARG A 257 21.20 -9.86 -30.06
C ARG A 257 19.69 -9.83 -29.92
N TYR A 258 19.24 -9.61 -28.69
CA TYR A 258 17.81 -9.61 -28.43
C TYR A 258 17.30 -8.21 -28.15
N THR A 259 16.04 -7.98 -28.50
CA THR A 259 15.39 -6.72 -28.17
C THR A 259 13.95 -6.95 -27.69
N CYS A 260 13.50 -6.12 -26.74
CA CYS A 260 12.11 -6.20 -26.26
C CYS A 260 11.31 -5.06 -26.84
N HIS A 261 10.14 -5.39 -27.39
CA HIS A 261 9.32 -4.41 -28.10
C HIS A 261 7.98 -4.16 -27.47
N VAL A 262 7.85 -2.99 -26.87
CA VAL A 262 6.64 -2.62 -26.15
C VAL A 262 5.76 -1.70 -27.01
N GLN A 263 4.48 -2.05 -27.11
CA GLN A 263 3.51 -1.17 -27.74
C GLN A 263 2.39 -0.93 -26.75
N HIS A 264 2.08 0.35 -26.53
CA HIS A 264 1.05 0.80 -25.58
C HIS A 264 0.44 2.14 -26.00
N GLU A 265 -0.84 2.32 -25.79
CA GLU A 265 -1.48 3.55 -26.25
C GLU A 265 -1.06 4.78 -25.47
N GLY A 266 -0.23 4.60 -24.45
CA GLY A 266 0.31 5.72 -23.72
C GLY A 266 1.65 6.17 -24.28
N LEU A 267 2.24 5.35 -25.14
CA LEU A 267 3.53 5.62 -25.75
C LEU A 267 3.42 6.34 -27.10
N PRO A 268 4.17 7.46 -27.27
CA PRO A 268 4.24 8.23 -28.52
C PRO A 268 4.66 7.34 -29.70
N LYS A 269 5.79 6.65 -29.55
CA LYS A 269 6.29 5.64 -30.49
C LYS A 269 6.61 4.37 -29.69
N PRO A 270 6.51 3.20 -30.33
CA PRO A 270 6.83 1.91 -29.70
C PRO A 270 8.23 1.89 -29.10
N LEU A 271 8.43 1.02 -28.11
CA LEU A 271 9.73 0.97 -27.45
C LEU A 271 10.58 -0.11 -28.04
N THR A 272 11.87 -0.01 -27.76
CA THR A 272 12.86 -1.01 -28.14
C THR A 272 14.00 -0.98 -27.14
N LEU A 273 13.96 -1.87 -26.17
CA LEU A 273 15.05 -1.90 -25.18
C LEU A 273 15.75 -3.25 -25.05
N ARG A 274 17.07 -3.21 -24.87
CA ARG A 274 17.81 -4.44 -24.65
C ARG A 274 18.37 -4.42 -23.26
N TRP A 275 19.18 -5.41 -22.92
CA TRP A 275 19.69 -5.50 -21.59
C TRP A 275 20.87 -4.55 -21.36
N GLU A 276 20.74 -3.66 -20.37
CA GLU A 276 21.81 -2.72 -20.01
C GLU A 276 22.52 -3.17 -18.72
N PRO A 277 23.70 -3.82 -18.86
CA PRO A 277 24.44 -4.46 -17.76
C PRO A 277 25.04 -3.44 -16.78
N ILE B 2 -18.20 -26.54 -19.27
CA ILE B 2 -18.78 -26.46 -17.93
C ILE B 2 -17.68 -26.10 -16.88
N GLN B 3 -16.61 -26.89 -16.75
CA GLN B 3 -15.63 -26.63 -15.69
C GLN B 3 -14.22 -26.21 -16.15
N ARG B 4 -13.59 -25.32 -15.39
CA ARG B 4 -12.25 -24.80 -15.74
C ARG B 4 -11.26 -24.79 -14.58
N THR B 5 -10.05 -25.21 -14.88
CA THR B 5 -9.04 -25.20 -13.85
C THR B 5 -8.28 -23.85 -13.74
N PRO B 6 -8.11 -23.33 -12.51
CA PRO B 6 -7.51 -21.99 -12.33
C PRO B 6 -6.03 -21.86 -12.79
N LYS B 7 -5.67 -20.69 -13.35
CA LYS B 7 -4.27 -20.26 -13.45
C LYS B 7 -3.89 -19.43 -12.19
N ILE B 8 -2.62 -19.47 -11.80
CA ILE B 8 -2.15 -18.75 -10.61
C ILE B 8 -0.87 -17.95 -10.90
N GLN B 9 -0.84 -16.67 -10.59
CA GLN B 9 0.41 -15.95 -10.64
C GLN B 9 0.64 -15.33 -9.29
N VAL B 10 1.86 -15.49 -8.78
CA VAL B 10 2.26 -14.89 -7.49
C VAL B 10 3.39 -13.87 -7.69
N TYR B 11 3.09 -12.60 -7.41
CA TYR B 11 4.03 -11.52 -7.69
C TYR B 11 3.90 -10.40 -6.65
N SER B 12 4.59 -9.30 -6.90
CA SER B 12 4.51 -8.20 -5.97
C SER B 12 4.10 -6.97 -6.75
N ARG B 13 3.41 -6.05 -6.08
CA ARG B 13 2.87 -4.81 -6.66
C ARG B 13 4.03 -3.96 -7.17
N HIS B 14 5.09 -3.92 -6.35
CA HIS B 14 6.29 -3.13 -6.62
C HIS B 14 7.48 -4.02 -6.58
N PRO B 15 8.41 -3.81 -7.52
CA PRO B 15 9.72 -4.47 -7.52
C PRO B 15 10.31 -4.64 -6.09
N ALA B 16 10.22 -5.86 -5.57
CA ALA B 16 10.67 -6.19 -4.20
C ALA B 16 12.10 -5.82 -3.89
N GLU B 17 12.28 -4.91 -2.94
CA GLU B 17 13.56 -4.76 -2.26
C GLU B 17 13.45 -5.30 -0.84
N ASN B 18 14.53 -5.89 -0.36
CA ASN B 18 14.53 -6.51 0.95
C ASN B 18 14.39 -5.55 2.15
N GLY B 19 13.42 -5.84 3.01
CA GLY B 19 13.20 -4.98 4.15
C GLY B 19 12.21 -3.88 3.90
N LYS B 20 12.02 -3.53 2.64
CA LYS B 20 11.07 -2.50 2.28
C LYS B 20 9.66 -3.05 2.05
N SER B 21 8.69 -2.49 2.78
CA SER B 21 7.33 -3.01 2.75
C SER B 21 6.73 -3.07 1.33
N ASN B 22 5.82 -4.01 1.13
CA ASN B 22 5.25 -4.21 -0.18
C ASN B 22 3.87 -4.89 -0.15
N PHE B 23 3.37 -5.34 -1.30
CA PHE B 23 2.13 -6.11 -1.38
C PHE B 23 2.31 -7.43 -2.17
N LEU B 24 1.94 -8.56 -1.57
CA LEU B 24 2.12 -9.84 -2.23
C LEU B 24 0.82 -10.15 -2.92
N ASN B 25 0.88 -10.38 -4.23
CA ASN B 25 -0.32 -10.67 -5.02
C ASN B 25 -0.43 -12.13 -5.44
N CYS B 26 -1.67 -12.62 -5.48
CA CYS B 26 -2.01 -13.92 -6.06
C CYS B 26 -3.17 -13.74 -7.04
N TYR B 27 -2.89 -13.93 -8.32
CA TYR B 27 -3.89 -13.77 -9.36
C TYR B 27 -4.40 -15.11 -9.87
N VAL B 28 -5.42 -15.65 -9.21
CA VAL B 28 -6.10 -16.82 -9.77
C VAL B 28 -7.06 -16.41 -10.91
N SER B 29 -6.96 -17.06 -12.08
CA SER B 29 -7.78 -16.68 -13.24
C SER B 29 -8.18 -17.87 -14.12
N GLY B 30 -9.13 -17.65 -15.02
CA GLY B 30 -9.50 -18.65 -16.01
C GLY B 30 -10.14 -19.95 -15.50
N PHE B 31 -10.92 -19.82 -14.40
CA PHE B 31 -11.52 -20.97 -13.72
C PHE B 31 -13.05 -20.93 -13.64
N HIS B 32 -13.63 -22.11 -13.49
CA HIS B 32 -15.08 -22.26 -13.38
C HIS B 32 -15.39 -23.57 -12.71
N PRO B 33 -16.36 -23.58 -11.75
CA PRO B 33 -17.17 -22.48 -11.22
C PRO B 33 -16.40 -21.50 -10.32
N SER B 34 -17.14 -20.60 -9.68
CA SER B 34 -16.54 -19.43 -9.06
C SER B 34 -16.13 -19.75 -7.66
N ASP B 35 -16.60 -20.88 -7.14
CA ASP B 35 -16.15 -21.36 -5.83
C ASP B 35 -14.66 -21.75 -5.85
N ILE B 36 -13.79 -20.97 -5.19
CA ILE B 36 -12.34 -21.22 -5.19
C ILE B 36 -11.78 -20.96 -3.79
N GLU B 37 -10.60 -21.46 -3.48
CA GLU B 37 -10.04 -21.13 -2.19
C GLU B 37 -8.60 -20.70 -2.32
N VAL B 38 -8.25 -19.50 -1.83
CA VAL B 38 -6.91 -18.94 -2.01
C VAL B 38 -6.38 -18.49 -0.66
N ASP B 39 -5.20 -18.99 -0.27
CA ASP B 39 -4.55 -18.65 1.04
C ASP B 39 -3.18 -18.00 0.76
N LEU B 40 -2.87 -16.86 1.37
CA LEU B 40 -1.51 -16.30 1.27
C LEU B 40 -0.68 -16.74 2.46
N LEU B 41 0.50 -17.31 2.18
CA LEU B 41 1.34 -17.98 3.17
C LEU B 41 2.71 -17.32 3.31
N LYS B 42 3.09 -17.13 4.56
CA LYS B 42 4.45 -16.73 4.91
C LYS B 42 5.08 -17.87 5.73
N ASN B 43 6.10 -18.55 5.16
CA ASN B 43 6.74 -19.70 5.81
C ASN B 43 5.69 -20.75 6.16
N GLY B 44 4.89 -21.09 5.18
CA GLY B 44 3.92 -22.16 5.37
C GLY B 44 2.72 -21.83 6.24
N GLU B 45 2.72 -20.66 6.85
CA GLU B 45 1.57 -20.25 7.64
C GLU B 45 0.80 -19.17 6.92
N ARG B 46 -0.52 -19.26 7.00
CA ARG B 46 -1.32 -18.29 6.29
C ARG B 46 -1.22 -16.92 6.99
N ILE B 47 -1.07 -15.88 6.15
CA ILE B 47 -1.03 -14.48 6.57
C ILE B 47 -2.41 -13.99 7.05
N GLU B 48 -2.41 -13.33 8.20
CA GLU B 48 -3.65 -12.94 8.89
C GLU B 48 -4.57 -12.04 8.05
N LYS B 49 -4.11 -10.83 7.77
CA LYS B 49 -4.88 -9.87 7.00
C LYS B 49 -4.65 -10.18 5.50
N VAL B 50 -5.58 -10.93 4.89
CA VAL B 50 -5.58 -11.11 3.44
C VAL B 50 -6.90 -10.67 2.80
N GLU B 51 -6.83 -9.84 1.77
CA GLU B 51 -8.04 -9.42 1.09
C GLU B 51 -8.05 -9.80 -0.39
N HIS B 52 -9.24 -9.83 -0.99
CA HIS B 52 -9.44 -10.16 -2.41
C HIS B 52 -10.14 -9.04 -3.23
N SER B 53 -10.17 -9.18 -4.57
CA SER B 53 -10.94 -8.26 -5.40
C SER B 53 -12.41 -8.54 -5.20
N ASP B 54 -13.21 -8.06 -6.14
CA ASP B 54 -14.58 -8.51 -6.26
C ASP B 54 -14.56 -9.58 -7.35
N LEU B 55 -15.63 -10.39 -7.41
CA LEU B 55 -15.76 -11.46 -8.41
C LEU B 55 -16.16 -10.91 -9.76
N SER B 56 -15.21 -10.91 -10.69
CA SER B 56 -15.48 -10.55 -12.06
C SER B 56 -15.17 -11.78 -12.86
N PHE B 57 -15.52 -11.73 -14.15
CA PHE B 57 -15.17 -12.76 -15.13
C PHE B 57 -14.84 -12.19 -16.53
N SER B 58 -14.20 -13.03 -17.33
CA SER B 58 -13.75 -12.65 -18.65
C SER B 58 -14.85 -12.86 -19.67
N LYS B 59 -14.56 -12.53 -20.93
CA LYS B 59 -15.48 -12.76 -22.05
C LYS B 59 -15.87 -14.23 -22.28
N ASP B 60 -14.91 -15.14 -22.11
CA ASP B 60 -15.15 -16.59 -22.15
C ASP B 60 -15.81 -17.16 -20.87
N TRP B 61 -16.35 -16.27 -20.03
CA TRP B 61 -17.03 -16.60 -18.76
C TRP B 61 -16.15 -17.08 -17.58
N SER B 62 -14.85 -17.15 -17.81
CA SER B 62 -13.94 -17.64 -16.81
C SER B 62 -13.72 -16.55 -15.78
N PHE B 63 -13.98 -16.86 -14.52
CA PHE B 63 -13.70 -15.94 -13.42
C PHE B 63 -12.22 -15.59 -13.19
N TYR B 64 -11.98 -14.43 -12.58
CA TYR B 64 -10.68 -14.08 -12.08
C TYR B 64 -10.81 -13.39 -10.74
N LEU B 65 -9.83 -13.59 -9.87
CA LEU B 65 -9.84 -12.98 -8.54
C LEU B 65 -8.40 -12.56 -8.28
N LEU B 66 -8.18 -11.51 -7.46
CA LEU B 66 -6.85 -11.14 -6.97
C LEU B 66 -6.84 -11.14 -5.45
N TYR B 67 -6.00 -11.96 -4.87
CA TYR B 67 -5.74 -11.89 -3.43
C TYR B 67 -4.46 -11.07 -3.21
N TYR B 68 -4.43 -10.26 -2.17
CA TYR B 68 -3.27 -9.40 -1.86
C TYR B 68 -3.15 -9.11 -0.35
N THR B 69 -1.90 -8.95 0.11
CA THR B 69 -1.57 -8.69 1.53
C THR B 69 -0.30 -7.84 1.70
N GLU B 70 -0.24 -6.98 2.72
CA GLU B 70 1.01 -6.27 3.00
C GLU B 70 2.09 -7.24 3.50
N PHE B 71 3.30 -7.09 2.98
CA PHE B 71 4.36 -8.03 3.29
C PHE B 71 5.73 -7.39 3.10
N THR B 72 6.65 -7.73 3.99
CA THR B 72 8.03 -7.30 3.84
C THR B 72 8.90 -8.44 3.37
N PRO B 73 9.39 -8.31 2.13
CA PRO B 73 10.17 -9.42 1.59
C PRO B 73 11.56 -9.50 2.25
N THR B 74 11.92 -10.65 2.82
CA THR B 74 13.32 -10.84 3.26
C THR B 74 13.95 -11.96 2.46
N GLU B 75 15.23 -12.19 2.71
CA GLU B 75 15.98 -13.19 1.94
C GLU B 75 15.93 -14.55 2.57
N LYS B 76 15.44 -14.64 3.81
CA LYS B 76 15.27 -15.94 4.45
C LYS B 76 13.80 -16.40 4.53
N ASP B 77 12.85 -15.49 4.24
CA ASP B 77 11.40 -15.78 4.32
C ASP B 77 10.83 -16.35 3.02
N GLU B 78 9.92 -17.32 3.16
CA GLU B 78 9.30 -17.96 2.00
C GLU B 78 7.80 -17.60 1.89
N TYR B 79 7.43 -16.92 0.80
CA TYR B 79 6.04 -16.52 0.63
C TYR B 79 5.46 -17.36 -0.50
N ALA B 80 4.22 -17.82 -0.31
CA ALA B 80 3.60 -18.70 -1.30
C ALA B 80 2.08 -18.56 -1.33
N CYS B 81 1.46 -19.03 -2.41
CA CYS B 81 0.00 -19.00 -2.56
C CYS B 81 -0.58 -20.43 -2.62
N ARG B 82 -1.61 -20.68 -1.82
CA ARG B 82 -2.30 -21.97 -1.83
C ARG B 82 -3.73 -21.91 -2.44
N VAL B 83 -3.88 -22.38 -3.67
CA VAL B 83 -5.18 -22.44 -4.35
C VAL B 83 -5.76 -23.85 -4.31
N ASN B 84 -6.99 -23.97 -3.84
CA ASN B 84 -7.66 -25.23 -3.89
C ASN B 84 -9.03 -24.98 -4.50
N HIS B 85 -9.22 -25.55 -5.70
CA HIS B 85 -10.46 -25.46 -6.49
C HIS B 85 -11.00 -26.87 -6.72
N VAL B 86 -12.24 -27.02 -7.20
CA VAL B 86 -12.85 -28.36 -7.37
C VAL B 86 -12.14 -29.15 -8.43
N THR B 87 -11.52 -28.43 -9.35
CA THR B 87 -10.93 -29.07 -10.52
C THR B 87 -9.56 -29.69 -10.22
N LEU B 88 -9.00 -29.40 -9.02
CA LEU B 88 -7.66 -29.86 -8.62
C LEU B 88 -7.66 -31.11 -7.81
N SER B 89 -6.66 -31.95 -8.11
CA SER B 89 -6.51 -33.28 -7.52
C SER B 89 -6.24 -33.08 -6.05
N GLN B 90 -5.29 -32.18 -5.79
CA GLN B 90 -5.00 -31.72 -4.45
C GLN B 90 -4.58 -30.27 -4.63
N PRO B 91 -4.83 -29.45 -3.60
CA PRO B 91 -4.39 -28.05 -3.51
C PRO B 91 -3.04 -27.73 -4.18
N LYS B 92 -2.99 -26.72 -5.06
CA LYS B 92 -1.72 -26.36 -5.70
C LYS B 92 -0.98 -25.25 -4.96
N ILE B 93 0.35 -25.37 -4.87
CA ILE B 93 1.16 -24.33 -4.22
C ILE B 93 2.25 -23.67 -5.10
N VAL B 94 2.01 -22.39 -5.42
CA VAL B 94 2.97 -21.56 -6.15
C VAL B 94 3.74 -20.62 -5.20
N LYS B 95 5.07 -20.62 -5.31
CA LYS B 95 5.94 -19.81 -4.43
C LYS B 95 6.25 -18.48 -5.05
N TRP B 96 6.41 -17.48 -4.21
CA TRP B 96 6.74 -16.18 -4.76
C TRP B 96 8.21 -16.22 -5.18
N ASP B 97 8.51 -15.58 -6.31
CA ASP B 97 9.84 -15.52 -6.87
C ASP B 97 10.02 -14.10 -7.40
N ARG B 98 10.88 -13.32 -6.73
CA ARG B 98 11.06 -11.89 -7.00
C ARG B 98 11.52 -11.58 -8.44
N ASP B 99 11.98 -12.60 -9.13
CA ASP B 99 12.40 -12.47 -10.50
C ASP B 99 11.27 -12.83 -11.46
N MET B 100 10.14 -13.31 -10.93
CA MET B 100 8.91 -13.52 -11.72
C MET B 100 7.74 -12.76 -11.12
N THR C 1 -24.41 2.94 -14.89
CA THR C 1 -25.67 2.53 -14.26
C THR C 1 -26.16 1.14 -14.58
N ALA C 2 -26.77 0.56 -13.55
CA ALA C 2 -27.28 -0.81 -13.54
C ALA C 2 -28.47 -0.96 -14.49
N PHE C 3 -29.25 -2.02 -14.36
CA PHE C 3 -30.48 -2.13 -15.17
C PHE C 3 -31.48 -3.18 -14.64
N THR C 4 -32.80 -2.89 -14.71
CA THR C 4 -33.78 -3.94 -14.42
C THR C 4 -34.21 -4.70 -15.65
N ILE C 5 -34.22 -6.00 -15.45
CA ILE C 5 -33.89 -6.96 -16.45
C ILE C 5 -34.99 -7.98 -16.28
N PRO C 6 -35.22 -8.81 -17.34
CA PRO C 6 -36.40 -9.68 -17.50
C PRO C 6 -36.32 -10.95 -16.71
N SER C 7 -37.43 -11.63 -16.69
CA SER C 7 -37.34 -12.97 -16.19
C SER C 7 -36.90 -13.85 -17.33
N ILE C 8 -37.29 -15.10 -17.26
CA ILE C 8 -36.84 -16.09 -18.24
C ILE C 8 -37.94 -17.12 -18.57
N MET D 1 30.99 -1.05 6.93
CA MET D 1 29.55 -1.32 7.04
C MET D 1 29.16 -2.18 8.26
N GLY D 2 29.09 -1.55 9.44
CA GLY D 2 28.72 -2.22 10.69
C GLY D 2 28.61 -1.33 11.92
N SER D 3 28.43 -0.02 11.73
CA SER D 3 28.10 0.84 12.86
C SER D 3 26.60 0.84 13.04
N HIS D 4 26.16 0.07 14.02
CA HIS D 4 24.75 -0.21 14.21
C HIS D 4 24.39 0.03 15.69
N SER D 5 23.13 0.41 15.95
CA SER D 5 22.68 0.64 17.30
C SER D 5 21.28 0.09 17.61
N MET D 6 21.14 -0.55 18.77
CA MET D 6 19.83 -0.93 19.27
C MET D 6 19.34 0.18 20.20
N ARG D 7 18.12 0.63 20.00
CA ARG D 7 17.65 1.74 20.78
C ARG D 7 16.21 1.55 21.30
N TYR D 8 16.02 1.70 22.60
CA TYR D 8 14.68 1.71 23.22
C TYR D 8 14.18 3.11 23.61
N PHE D 9 12.94 3.44 23.22
CA PHE D 9 12.30 4.72 23.54
C PHE D 9 11.03 4.49 24.33
N TYR D 10 11.05 4.91 25.59
CA TYR D 10 9.87 4.74 26.43
C TYR D 10 9.17 6.07 26.47
N THR D 11 7.87 6.04 26.71
CA THR D 11 7.10 7.29 26.93
C THR D 11 5.91 7.10 27.86
N ALA D 12 5.97 7.79 29.00
CA ALA D 12 4.96 7.68 30.04
C ALA D 12 4.30 9.03 30.22
N MET D 13 3.00 9.00 30.43
CA MET D 13 2.30 10.24 30.59
C MET D 13 1.01 10.06 31.39
N SER D 14 0.77 10.99 32.31
CA SER D 14 -0.45 10.99 33.14
C SER D 14 -1.67 11.64 32.46
N ARG D 15 -2.85 11.09 32.73
CA ARG D 15 -4.10 11.65 32.27
C ARG D 15 -5.05 11.82 33.43
N PRO D 16 -4.79 12.84 34.27
CA PRO D 16 -5.77 13.10 35.36
C PRO D 16 -7.22 13.39 34.85
N GLY D 17 -8.21 13.06 35.71
CA GLY D 17 -9.64 13.19 35.42
C GLY D 17 -10.14 12.01 34.59
N ARG D 18 -9.45 11.83 33.45
CA ARG D 18 -9.76 10.86 32.42
C ARG D 18 -8.63 9.83 32.12
N GLY D 19 -8.44 8.84 32.99
CA GLY D 19 -7.56 7.73 32.66
C GLY D 19 -6.30 7.49 33.50
N GLU D 20 -5.94 6.24 33.72
CA GLU D 20 -4.64 5.91 34.34
C GLU D 20 -3.46 6.33 33.43
N PRO D 21 -2.21 6.42 33.97
CA PRO D 21 -1.04 6.77 33.14
C PRO D 21 -0.84 5.76 31.99
N ARG D 22 -0.36 6.24 30.82
CA ARG D 22 -0.15 5.38 29.65
C ARG D 22 1.33 5.13 29.46
N PHE D 23 1.72 3.86 29.29
CA PHE D 23 3.10 3.57 28.93
C PHE D 23 3.18 3.06 27.51
N ILE D 24 4.01 3.73 26.70
CA ILE D 24 4.21 3.42 25.29
C ILE D 24 5.71 3.16 25.03
N ALA D 25 6.03 2.03 24.42
CA ALA D 25 7.43 1.68 24.23
C ALA D 25 7.75 1.22 22.82
N VAL D 26 8.72 1.84 22.17
CA VAL D 26 9.15 1.33 20.88
C VAL D 26 10.57 0.96 20.90
N GLY D 27 10.96 0.22 19.88
CA GLY D 27 12.32 -0.24 19.86
C GLY D 27 12.80 -0.22 18.45
N TYR D 28 14.06 0.21 18.30
CA TYR D 28 14.70 0.34 17.00
C TYR D 28 16.01 -0.50 16.92
N VAL D 29 16.31 -0.99 15.73
CA VAL D 29 17.69 -1.25 15.38
C VAL D 29 17.96 -0.34 14.19
N ASP D 30 18.78 0.69 14.45
CA ASP D 30 19.00 1.80 13.53
C ASP D 30 17.73 2.59 13.27
N ASP D 31 17.45 2.87 12.00
CA ASP D 31 16.22 3.55 11.62
C ASP D 31 15.04 2.59 11.42
N THR D 32 15.24 1.29 11.71
CA THR D 32 14.20 0.25 11.55
C THR D 32 13.44 -0.12 12.87
N GLN D 33 12.18 0.27 13.02
CA GLN D 33 11.42 -0.14 14.21
C GLN D 33 11.13 -1.63 14.14
N PHE D 34 11.12 -2.30 15.29
CA PHE D 34 10.92 -3.75 15.33
C PHE D 34 10.02 -4.19 16.48
N VAL D 35 9.75 -3.29 17.41
CA VAL D 35 8.86 -3.66 18.51
C VAL D 35 7.95 -2.52 18.86
N ARG D 36 6.99 -2.84 19.72
CA ARG D 36 6.00 -1.91 20.19
C ARG D 36 5.29 -2.48 21.42
N PHE D 37 5.21 -1.69 22.47
CA PHE D 37 4.30 -1.99 23.56
C PHE D 37 3.40 -0.76 23.89
N ASP D 38 2.17 -0.99 24.36
CA ASP D 38 1.23 0.08 24.70
C ASP D 38 0.34 -0.40 25.82
N SER D 39 0.45 0.21 26.99
CA SER D 39 -0.33 -0.25 28.13
C SER D 39 -1.85 -0.03 27.97
N ASP D 40 -2.21 0.76 26.95
CA ASP D 40 -3.61 1.25 26.73
C ASP D 40 -4.46 0.35 25.83
N ALA D 41 -4.08 -0.93 25.66
CA ALA D 41 -4.78 -1.80 24.71
C ALA D 41 -5.37 -3.04 25.40
N ALA D 42 -6.11 -3.83 24.63
CA ALA D 42 -6.66 -5.12 25.08
C ALA D 42 -5.55 -6.09 25.51
N SER D 43 -5.50 -6.43 26.82
CA SER D 43 -4.32 -7.07 27.47
C SER D 43 -2.97 -6.79 26.75
N PRO D 44 -2.41 -5.57 26.97
CA PRO D 44 -1.13 -5.10 26.43
C PRO D 44 -0.07 -6.20 26.30
N ARG D 45 0.57 -6.27 25.13
CA ARG D 45 1.70 -7.15 24.89
C ARG D 45 2.64 -6.44 23.94
N THR D 46 3.92 -6.75 24.04
CA THR D 46 4.84 -6.23 23.04
C THR D 46 4.75 -7.06 21.76
N GLU D 47 4.71 -6.37 20.60
CA GLU D 47 4.42 -6.96 19.27
C GLU D 47 5.49 -6.64 18.25
N PRO D 48 5.61 -7.52 17.22
CA PRO D 48 6.66 -7.35 16.21
C PRO D 48 6.31 -6.23 15.24
N ARG D 49 7.27 -5.43 14.79
CA ARG D 49 7.08 -4.42 13.74
C ARG D 49 8.09 -4.61 12.62
N ALA D 50 8.75 -5.76 12.65
CA ALA D 50 9.74 -6.14 11.66
C ALA D 50 9.54 -7.60 11.29
N PRO D 51 10.21 -8.06 10.23
CA PRO D 51 9.91 -9.45 9.84
C PRO D 51 10.75 -10.48 10.59
N TRP D 52 12.03 -10.18 10.68
CA TRP D 52 13.02 -11.03 11.32
C TRP D 52 12.84 -11.16 12.84
N ILE D 53 11.71 -10.77 13.40
CA ILE D 53 11.64 -10.79 14.84
C ILE D 53 10.48 -11.66 15.18
N GLU D 54 9.69 -11.99 14.17
CA GLU D 54 8.54 -12.83 14.42
C GLU D 54 9.01 -14.29 14.46
N GLN D 55 10.29 -14.50 14.16
CA GLN D 55 10.89 -15.83 14.25
C GLN D 55 11.20 -16.20 15.73
N GLU D 56 11.13 -15.23 16.65
CA GLU D 56 11.42 -15.47 18.08
C GLU D 56 10.18 -16.06 18.74
N GLY D 57 10.30 -17.17 19.44
CA GLY D 57 9.14 -17.78 20.05
C GLY D 57 8.42 -16.91 21.06
N PRO D 58 7.38 -17.48 21.67
CA PRO D 58 6.70 -16.77 22.75
C PRO D 58 7.59 -16.54 23.97
N GLU D 59 8.81 -17.01 23.90
CA GLU D 59 9.69 -16.82 25.02
C GLU D 59 10.21 -15.39 25.06
N TYR D 60 10.37 -14.81 23.86
CA TYR D 60 10.79 -13.42 23.72
C TYR D 60 9.59 -12.60 24.10
N TRP D 61 8.44 -12.94 23.55
CA TRP D 61 7.29 -12.05 23.67
C TRP D 61 6.79 -12.03 25.09
N ASP D 62 6.88 -13.18 25.75
CA ASP D 62 6.46 -13.24 27.14
C ASP D 62 7.38 -12.43 28.09
N ARG D 63 8.68 -12.71 28.06
CA ARG D 63 9.73 -11.86 28.68
C ARG D 63 9.58 -10.32 28.45
N GLU D 64 9.43 -9.93 27.19
CA GLU D 64 9.42 -8.56 26.78
C GLU D 64 8.13 -7.87 27.13
N THR D 65 7.05 -8.63 27.27
CA THR D 65 5.76 -8.04 27.63
C THR D 65 5.80 -7.71 29.11
N GLN D 66 6.27 -8.66 29.90
CA GLN D 66 6.34 -8.51 31.34
C GLN D 66 7.33 -7.41 31.76
N ILE D 67 8.44 -7.32 31.02
CA ILE D 67 9.41 -6.27 31.22
C ILE D 67 8.69 -4.96 31.07
N SER D 68 7.88 -4.83 30.03
CA SER D 68 7.10 -3.61 29.82
C SER D 68 5.99 -3.45 30.87
N LYS D 69 5.31 -4.54 31.23
CA LYS D 69 4.26 -4.49 32.25
C LYS D 69 4.79 -4.02 33.63
N THR D 70 6.06 -4.23 33.86
CA THR D 70 6.68 -3.89 35.13
C THR D 70 7.28 -2.50 34.97
N ASN D 71 7.79 -2.19 33.78
CA ASN D 71 8.18 -0.81 33.47
C ASN D 71 6.97 0.14 33.46
N THR D 72 5.79 -0.38 33.14
CA THR D 72 4.60 0.47 33.20
C THR D 72 4.31 0.83 34.66
N GLN D 73 4.25 -0.19 35.51
CA GLN D 73 4.14 0.04 36.95
C GLN D 73 5.18 1.03 37.48
N THR D 74 6.40 0.91 36.98
CA THR D 74 7.54 1.73 37.35
C THR D 74 7.24 3.20 37.02
N TYR D 75 6.82 3.47 35.80
CA TYR D 75 6.62 4.83 35.37
C TYR D 75 5.33 5.41 35.91
N ARG D 76 4.55 4.59 36.58
CA ARG D 76 3.35 5.11 37.21
C ARG D 76 3.80 5.75 38.48
N GLU D 77 4.81 5.15 39.13
CA GLU D 77 5.46 5.73 40.29
C GLU D 77 6.29 6.95 39.91
N ASN D 78 7.10 6.80 38.88
CA ASN D 78 7.88 7.90 38.38
C ASN D 78 7.07 9.17 38.15
N LEU D 79 5.80 9.02 37.80
CA LEU D 79 4.90 10.18 37.68
C LEU D 79 4.49 10.74 39.07
N ARG D 80 4.05 9.84 39.96
CA ARG D 80 3.66 10.17 41.32
C ARG D 80 4.84 10.70 42.17
N ILE D 81 6.05 10.23 41.88
CA ILE D 81 7.23 10.69 42.59
C ILE D 81 7.60 12.10 42.11
N ALA D 82 7.68 12.28 40.81
CA ALA D 82 8.01 13.57 40.24
C ALA D 82 7.00 14.66 40.64
N LEU D 83 5.80 14.26 41.03
CA LEU D 83 4.87 15.19 41.66
C LEU D 83 5.45 15.80 42.97
N ARG D 84 5.96 14.92 43.86
CA ARG D 84 6.60 15.28 45.12
C ARG D 84 7.82 16.12 44.87
N TYR D 85 8.74 15.58 44.04
CA TYR D 85 10.01 16.21 43.69
C TYR D 85 9.82 17.62 43.14
N TYR D 86 8.76 17.82 42.36
CA TYR D 86 8.57 19.12 41.73
C TYR D 86 7.41 19.97 42.30
N ASN D 87 6.91 19.55 43.47
CA ASN D 87 5.83 20.23 44.18
C ASN D 87 4.72 20.60 43.18
N GLN D 88 4.11 19.55 42.62
CA GLN D 88 3.00 19.60 41.64
C GLN D 88 1.78 18.78 42.08
N SER D 89 0.61 19.23 41.63
CA SER D 89 -0.66 18.61 41.98
C SER D 89 -0.99 17.40 41.11
N GLU D 90 -1.98 16.61 41.55
CA GLU D 90 -2.59 15.51 40.76
C GLU D 90 -3.61 16.05 39.71
N ALA D 91 -3.25 17.15 39.07
CA ALA D 91 -4.14 17.91 38.23
C ALA D 91 -3.54 17.99 36.84
N GLY D 92 -2.29 18.44 36.76
CA GLY D 92 -1.62 18.60 35.48
C GLY D 92 -1.19 17.30 34.84
N SER D 93 -1.16 17.25 33.50
CA SER D 93 -0.58 16.13 32.76
C SER D 93 0.94 16.28 32.59
N HIS D 94 1.70 15.45 33.29
CA HIS D 94 3.17 15.45 33.14
C HIS D 94 3.69 14.20 32.35
N THR D 95 4.96 14.24 31.91
CA THR D 95 5.48 13.30 30.90
C THR D 95 6.92 12.92 31.10
N TRP D 96 7.11 11.61 31.23
CA TRP D 96 8.43 10.92 31.25
C TRP D 96 8.87 10.32 29.90
N GLN D 97 10.11 10.63 29.50
CA GLN D 97 10.70 10.03 28.32
C GLN D 97 12.01 9.42 28.71
N THR D 98 12.34 8.31 28.08
CA THR D 98 13.59 7.67 28.36
C THR D 98 14.17 7.15 27.07
N MET D 99 15.46 7.38 26.86
CA MET D 99 16.21 6.62 25.85
C MET D 99 17.43 5.77 26.40
N TYR D 100 17.32 4.45 26.29
CA TYR D 100 18.51 3.57 26.48
C TYR D 100 18.91 2.76 25.24
N GLY D 101 20.08 2.16 25.26
CA GLY D 101 20.53 1.49 24.05
C GLY D 101 22.03 1.45 23.90
N CYS D 102 22.49 0.99 22.73
CA CYS D 102 23.92 0.70 22.47
C CYS D 102 24.35 0.75 21.01
N ASP D 103 25.25 1.69 20.71
CA ASP D 103 26.03 1.65 19.48
C ASP D 103 27.12 0.57 19.54
N VAL D 104 27.52 0.10 18.37
CA VAL D 104 28.36 -1.09 18.23
C VAL D 104 29.19 -0.92 16.95
N GLY D 105 30.44 -1.36 17.01
CA GLY D 105 31.31 -1.22 15.86
C GLY D 105 30.97 -2.26 14.80
N PRO D 106 31.61 -2.17 13.61
CA PRO D 106 31.54 -3.19 12.55
C PRO D 106 32.18 -4.52 12.95
N ASP D 107 32.88 -4.49 14.09
CA ASP D 107 33.41 -5.68 14.74
C ASP D 107 32.40 -6.33 15.72
N GLY D 108 31.32 -5.58 16.01
CA GLY D 108 30.22 -6.07 16.84
C GLY D 108 30.44 -5.86 18.32
N ARG D 109 31.45 -5.08 18.68
CA ARG D 109 31.79 -4.79 20.08
C ARG D 109 31.18 -3.46 20.52
N LEU D 110 30.93 -3.32 21.82
CA LEU D 110 30.36 -2.10 22.39
C LEU D 110 31.20 -0.89 22.04
N LEU D 111 30.53 0.21 21.73
CA LEU D 111 31.22 1.38 21.22
C LEU D 111 30.80 2.57 22.05
N ARG D 112 29.50 2.63 22.33
CA ARG D 112 28.86 3.66 23.16
C ARG D 112 27.71 3.04 23.95
N GLY D 113 27.38 3.67 25.09
CA GLY D 113 26.20 3.30 25.86
C GLY D 113 25.31 4.50 26.10
N HIS D 114 24.01 4.26 26.21
CA HIS D 114 23.06 5.31 26.47
C HIS D 114 22.00 4.95 27.48
N ASN D 115 21.79 5.88 28.39
CA ASN D 115 20.56 5.92 29.18
C ASN D 115 20.32 7.36 29.64
N GLN D 116 19.12 7.88 29.36
CA GLN D 116 18.74 9.28 29.69
C GLN D 116 17.27 9.52 29.81
N TYR D 117 16.90 10.41 30.72
CA TYR D 117 15.51 10.63 31.00
C TYR D 117 15.20 12.07 30.69
N ALA D 118 13.91 12.35 30.62
CA ALA D 118 13.43 13.71 30.51
C ALA D 118 12.03 13.82 31.08
N TYR D 119 11.84 14.74 32.03
CA TYR D 119 10.52 15.10 32.56
C TYR D 119 10.01 16.34 31.82
N ASP D 120 8.85 16.22 31.20
CA ASP D 120 8.27 17.34 30.49
C ASP D 120 9.22 17.99 29.46
N GLY D 121 10.12 17.21 28.87
CA GLY D 121 10.92 17.70 27.76
C GLY D 121 12.18 18.45 28.17
N LYS D 122 12.36 18.60 29.48
CA LYS D 122 13.62 19.05 30.04
C LYS D 122 14.43 17.78 30.40
N ASP D 123 15.73 17.76 30.10
CA ASP D 123 16.58 16.65 30.53
C ASP D 123 16.43 16.46 32.02
N TYR D 124 16.37 15.22 32.49
CA TYR D 124 16.30 15.01 33.93
C TYR D 124 17.56 14.37 34.46
N ILE D 125 17.89 13.18 33.97
CA ILE D 125 19.16 12.57 34.33
C ILE D 125 19.77 11.85 33.14
N ALA D 126 21.09 11.77 33.05
CA ALA D 126 21.68 11.08 31.92
C ALA D 126 22.93 10.40 32.37
N LEU D 127 22.91 9.06 32.29
CA LEU D 127 24.09 8.23 32.49
C LEU D 127 25.20 8.69 31.55
N ASN D 128 26.40 8.83 32.10
CA ASN D 128 27.53 9.30 31.29
C ASN D 128 28.18 8.21 30.46
N GLU D 129 29.01 8.69 29.53
CA GLU D 129 29.75 7.83 28.62
C GLU D 129 30.42 6.69 29.32
N ASP D 130 30.98 6.93 30.51
CA ASP D 130 31.76 5.91 31.22
C ASP D 130 30.93 4.71 31.71
N LEU D 131 29.61 4.88 31.67
CA LEU D 131 28.67 3.87 32.17
C LEU D 131 28.96 3.59 33.65
N SER D 132 29.31 4.63 34.37
CA SER D 132 29.62 4.53 35.80
C SER D 132 29.15 5.73 36.62
N SER D 133 28.97 6.88 35.96
CA SER D 133 28.57 8.13 36.64
C SER D 133 27.28 8.68 36.03
N TRP D 134 26.69 9.70 36.66
CA TRP D 134 25.42 10.28 36.22
C TRP D 134 25.52 11.76 35.87
N THR D 135 24.50 12.31 35.19
CA THR D 135 24.42 13.78 34.98
C THR D 135 23.03 14.34 35.28
N ALA D 136 22.76 14.66 36.54
CA ALA D 136 21.48 15.28 36.92
C ALA D 136 21.35 16.70 36.34
N ALA D 137 20.15 17.09 35.95
CA ALA D 137 19.96 18.39 35.30
C ALA D 137 19.39 19.53 36.23
N ASP D 138 18.90 19.12 37.40
CA ASP D 138 18.47 20.04 38.42
C ASP D 138 18.49 19.36 39.79
N THR D 139 18.28 20.15 40.83
CA THR D 139 18.46 19.67 42.19
C THR D 139 17.47 18.53 42.49
N ALA D 140 16.42 18.41 41.69
CA ALA D 140 15.41 17.41 41.93
C ALA D 140 15.87 16.10 41.34
N ALA D 141 16.72 16.18 40.33
CA ALA D 141 17.28 14.99 39.67
C ALA D 141 18.47 14.49 40.48
N GLN D 142 18.97 15.34 41.37
CA GLN D 142 20.07 14.99 42.26
C GLN D 142 19.59 14.15 43.41
N ILE D 143 18.33 14.31 43.81
CA ILE D 143 17.69 13.36 44.71
C ILE D 143 17.80 11.92 44.13
N THR D 144 17.57 11.83 42.83
CA THR D 144 17.63 10.56 42.12
C THR D 144 19.04 10.03 41.94
N GLN D 145 19.94 10.95 41.61
CA GLN D 145 21.36 10.68 41.45
C GLN D 145 21.95 10.05 42.69
N ARG D 146 21.48 10.44 43.85
CA ARG D 146 22.09 9.85 45.02
C ARG D 146 21.33 8.62 45.44
N LYS D 147 20.05 8.58 45.08
CA LYS D 147 19.31 7.33 45.22
C LYS D 147 20.06 6.21 44.47
N TRP D 148 20.49 6.50 43.25
CA TRP D 148 21.08 5.50 42.35
C TRP D 148 22.55 5.24 42.54
N GLU D 149 23.21 6.20 43.18
CA GLU D 149 24.61 6.04 43.48
C GLU D 149 24.64 5.14 44.68
N ALA D 150 23.67 5.34 45.57
CA ALA D 150 23.47 4.49 46.74
C ALA D 150 22.72 3.18 46.39
N ALA D 151 22.95 2.63 45.21
CA ALA D 151 22.18 1.46 44.87
C ALA D 151 22.85 0.76 43.73
N ARG D 152 23.93 1.39 43.26
CA ARG D 152 24.78 0.84 42.21
C ARG D 152 23.97 0.53 40.97
N GLU D 153 23.18 1.51 40.53
CA GLU D 153 22.37 1.33 39.32
C GLU D 153 23.26 1.38 38.08
N ALA D 154 24.17 2.34 38.07
CA ALA D 154 25.16 2.44 37.01
C ALA D 154 25.90 1.13 36.73
N GLU D 155 25.90 0.21 37.70
CA GLU D 155 26.46 -1.12 37.47
C GLU D 155 25.46 -2.01 36.75
N GLN D 156 24.23 -2.06 37.26
CA GLN D 156 23.16 -2.89 36.71
C GLN D 156 22.93 -2.52 35.27
N LEU D 157 23.16 -1.24 34.96
CA LEU D 157 22.91 -0.70 33.63
C LEU D 157 24.03 -1.00 32.65
N ARG D 158 25.26 -0.73 33.08
CA ARG D 158 26.47 -1.11 32.33
C ARG D 158 26.45 -2.62 31.94
N ALA D 159 25.93 -3.46 32.83
CA ALA D 159 25.88 -4.89 32.57
C ALA D 159 24.98 -5.21 31.37
N TYR D 160 23.85 -4.52 31.32
CA TYR D 160 22.85 -4.74 30.30
C TYR D 160 23.47 -4.22 29.02
N LEU D 161 24.09 -3.05 29.12
CA LEU D 161 24.62 -2.35 27.95
C LEU D 161 25.79 -3.07 27.32
N GLU D 162 26.67 -3.58 28.16
CA GLU D 162 27.86 -4.31 27.69
C GLU D 162 27.57 -5.79 27.36
N GLY D 163 26.59 -6.36 28.07
CA GLY D 163 26.17 -7.74 27.90
C GLY D 163 24.96 -7.94 27.01
N LEU D 164 23.77 -7.92 27.58
CA LEU D 164 22.58 -8.26 26.85
C LEU D 164 22.29 -7.36 25.66
N CYS D 165 22.58 -6.07 25.77
CA CYS D 165 22.23 -5.15 24.68
C CYS D 165 23.06 -5.41 23.41
N VAL D 166 24.36 -5.62 23.61
CA VAL D 166 25.29 -5.89 22.52
C VAL D 166 25.03 -7.27 21.90
N GLU D 167 24.75 -8.24 22.76
CA GLU D 167 24.51 -9.60 22.31
C GLU D 167 23.22 -9.68 21.48
N TRP D 168 22.12 -9.11 21.96
CA TRP D 168 20.85 -9.11 21.23
C TRP D 168 20.91 -8.26 19.96
N LEU D 169 21.70 -7.20 19.98
CA LEU D 169 21.87 -6.40 18.79
C LEU D 169 22.48 -7.23 17.68
N ARG D 170 23.50 -8.03 17.97
CA ARG D 170 24.14 -8.95 16.98
C ARG D 170 23.18 -10.06 16.44
N ARG D 171 22.35 -10.58 17.32
CA ARG D 171 21.23 -11.45 16.99
C ARG D 171 20.40 -10.77 15.94
N HIS D 172 19.87 -9.60 16.29
CA HIS D 172 19.03 -8.84 15.41
C HIS D 172 19.67 -8.57 14.06
N LEU D 173 20.89 -8.02 14.09
CA LEU D 173 21.65 -7.77 12.88
C LEU D 173 21.77 -9.03 12.00
N GLU D 174 21.96 -10.20 12.61
CA GLU D 174 22.09 -11.48 11.88
C GLU D 174 20.75 -12.03 11.30
N ASN D 175 19.71 -12.01 12.12
CA ASN D 175 18.40 -12.54 11.74
C ASN D 175 17.75 -11.71 10.60
N GLY D 176 18.09 -10.42 10.56
CA GLY D 176 17.68 -9.55 9.47
C GLY D 176 18.88 -8.89 8.83
N LYS D 177 19.76 -9.67 8.18
CA LYS D 177 20.97 -9.11 7.57
C LYS D 177 20.61 -8.18 6.45
N GLU D 178 19.84 -8.68 5.50
CA GLU D 178 19.47 -7.89 4.32
C GLU D 178 18.61 -6.67 4.67
N THR D 179 17.75 -6.80 5.68
CA THR D 179 16.82 -5.72 6.05
C THR D 179 17.51 -4.57 6.81
N LEU D 180 18.50 -4.92 7.63
CA LEU D 180 19.13 -3.97 8.56
C LEU D 180 20.42 -3.38 8.02
N GLN D 181 21.27 -4.28 7.54
CA GLN D 181 22.61 -3.96 7.03
C GLN D 181 22.53 -3.74 5.54
N ARG D 182 21.56 -2.95 5.11
CA ARG D 182 21.54 -2.61 3.71
C ARG D 182 21.11 -1.20 3.56
N ALA D 183 21.87 -0.49 2.72
CA ALA D 183 21.66 0.90 2.43
C ALA D 183 21.26 1.07 0.97
N ASP D 184 19.98 1.41 0.74
CA ASP D 184 19.43 1.66 -0.60
C ASP D 184 19.43 3.14 -0.96
N PRO D 185 20.07 3.48 -2.08
CA PRO D 185 20.25 4.87 -2.51
C PRO D 185 18.90 5.49 -2.84
N PRO D 186 18.85 6.82 -2.94
CA PRO D 186 17.56 7.45 -3.28
C PRO D 186 17.23 7.34 -4.77
N LYS D 187 15.97 7.59 -5.14
CA LYS D 187 15.60 7.80 -6.54
C LYS D 187 15.44 9.31 -6.68
N THR D 188 16.46 9.93 -7.25
CA THR D 188 16.52 11.39 -7.39
C THR D 188 15.96 11.96 -8.72
N HIS D 189 15.42 13.18 -8.66
CA HIS D 189 15.01 13.90 -9.86
C HIS D 189 14.76 15.36 -9.57
N VAL D 190 14.71 16.15 -10.64
CA VAL D 190 14.49 17.59 -10.51
C VAL D 190 13.18 17.96 -11.19
N THR D 191 12.35 18.72 -10.48
CA THR D 191 11.09 19.21 -11.05
C THR D 191 11.09 20.74 -11.25
N HIS D 192 10.23 21.20 -12.14
CA HIS D 192 10.16 22.61 -12.51
C HIS D 192 8.81 23.24 -12.19
N HIS D 193 8.85 24.35 -11.47
CA HIS D 193 7.61 24.93 -10.96
C HIS D 193 7.51 26.44 -11.11
N PRO D 194 7.14 26.90 -12.32
CA PRO D 194 7.03 28.32 -12.62
C PRO D 194 6.13 29.02 -11.61
N VAL D 195 6.73 29.83 -10.74
CA VAL D 195 6.01 30.62 -9.72
C VAL D 195 5.62 32.04 -10.16
N SER D 196 6.02 32.39 -11.37
CA SER D 196 5.80 33.70 -11.92
C SER D 196 5.74 33.58 -13.44
N ASP D 197 5.73 34.73 -14.13
CA ASP D 197 6.03 34.82 -15.57
C ASP D 197 7.56 34.81 -15.72
N HIS D 198 8.22 34.92 -14.57
CA HIS D 198 9.51 35.52 -14.49
C HIS D 198 10.52 34.55 -13.91
N GLU D 199 10.16 33.98 -12.78
CA GLU D 199 11.01 33.04 -12.11
C GLU D 199 10.26 31.73 -11.85
N ALA D 200 10.98 30.75 -11.30
CA ALA D 200 10.47 29.40 -11.07
C ALA D 200 11.11 28.69 -9.87
N THR D 201 10.49 27.59 -9.44
CA THR D 201 11.02 26.76 -8.36
C THR D 201 11.56 25.45 -8.91
N LEU D 202 12.87 25.31 -8.82
CA LEU D 202 13.52 24.05 -9.08
C LEU D 202 13.53 23.27 -7.76
N ARG D 203 12.98 22.06 -7.80
CA ARG D 203 12.91 21.20 -6.61
C ARG D 203 13.60 19.87 -6.85
N CYS D 204 14.45 19.50 -5.90
CA CYS D 204 15.25 18.30 -6.06
C CYS D 204 14.74 17.23 -5.12
N TRP D 205 14.46 16.05 -5.66
CA TRP D 205 13.85 15.00 -4.84
C TRP D 205 14.73 13.82 -4.51
N ALA D 206 14.56 13.28 -3.30
CA ALA D 206 15.22 12.04 -2.87
C ALA D 206 14.15 11.12 -2.35
N LEU D 207 13.90 10.02 -3.06
CA LEU D 207 12.85 9.12 -2.66
C LEU D 207 13.32 7.71 -2.37
N GLY D 208 12.66 7.05 -1.42
CA GLY D 208 12.92 5.66 -1.09
C GLY D 208 14.34 5.28 -0.74
N PHE D 209 15.02 6.12 0.03
CA PHE D 209 16.34 5.77 0.52
C PHE D 209 16.33 5.20 1.94
N TYR D 210 17.34 4.41 2.26
CA TYR D 210 17.53 3.90 3.60
C TYR D 210 19.04 3.75 3.77
N PRO D 211 19.61 4.19 4.92
CA PRO D 211 18.95 4.89 6.05
C PRO D 211 18.56 6.37 5.87
N ALA D 212 18.07 6.96 6.96
CA ALA D 212 17.50 8.30 6.93
C ALA D 212 18.56 9.36 6.62
N GLU D 213 19.81 9.04 6.97
CA GLU D 213 20.92 9.95 6.73
C GLU D 213 21.09 10.25 5.25
N ILE D 214 20.88 11.52 4.92
CA ILE D 214 21.04 12.05 3.56
C ILE D 214 21.48 13.53 3.63
N THR D 215 22.05 14.02 2.53
CA THR D 215 22.53 15.40 2.45
C THR D 215 22.23 15.96 1.05
N LEU D 216 21.11 16.66 0.91
CA LEU D 216 20.78 17.33 -0.35
C LEU D 216 21.21 18.79 -0.25
N THR D 217 21.76 19.33 -1.35
CA THR D 217 22.07 20.77 -1.45
C THR D 217 21.93 21.33 -2.86
N TRP D 218 21.70 22.64 -2.95
CA TRP D 218 21.67 23.34 -4.22
C TRP D 218 22.93 24.13 -4.49
N GLN D 219 23.38 24.10 -5.74
CA GLN D 219 24.56 24.84 -6.14
C GLN D 219 24.37 25.61 -7.44
N ARG D 220 24.46 26.93 -7.36
CA ARG D 220 24.43 27.78 -8.56
C ARG D 220 25.84 28.16 -9.00
N ASP D 221 26.19 27.61 -10.17
CA ASP D 221 27.50 27.75 -10.77
C ASP D 221 28.65 27.18 -9.88
N GLY D 222 28.36 26.13 -9.13
CA GLY D 222 29.38 25.56 -8.26
C GLY D 222 29.57 26.37 -6.98
N GLU D 223 28.49 26.90 -6.43
CA GLU D 223 28.59 27.57 -5.13
C GLU D 223 27.37 27.35 -4.24
N ASP D 224 27.70 27.23 -2.95
CA ASP D 224 26.81 27.00 -1.82
C ASP D 224 25.58 27.94 -1.71
N GLN D 225 24.42 27.50 -2.17
CA GLN D 225 23.21 28.30 -2.05
C GLN D 225 22.51 28.02 -0.75
N THR D 226 23.29 27.99 0.33
CA THR D 226 22.82 27.55 1.64
C THR D 226 21.72 28.45 2.23
N GLN D 227 21.92 29.76 2.22
CA GLN D 227 20.93 30.67 2.78
C GLN D 227 19.66 30.71 1.94
N ASP D 228 19.78 30.22 0.71
CA ASP D 228 18.69 30.36 -0.27
C ASP D 228 18.07 29.04 -0.73
N THR D 229 18.19 28.00 0.08
CA THR D 229 17.60 26.71 -0.28
C THR D 229 16.50 26.31 0.71
N GLU D 230 15.35 25.86 0.21
CA GLU D 230 14.31 25.37 1.11
C GLU D 230 14.47 23.89 1.38
N LEU D 231 14.75 23.55 2.63
CA LEU D 231 14.96 22.14 3.01
C LEU D 231 13.86 21.67 3.95
N VAL D 232 13.28 20.51 3.63
CA VAL D 232 12.27 19.91 4.49
C VAL D 232 12.89 18.80 5.31
N GLU D 233 12.28 18.57 6.47
CA GLU D 233 12.69 17.55 7.39
C GLU D 233 12.60 16.19 6.65
N THR D 234 13.66 15.39 6.77
CA THR D 234 13.64 14.01 6.22
C THR D 234 12.44 13.27 6.82
N ARG D 235 11.60 12.74 5.92
CA ARG D 235 10.30 12.20 6.31
C ARG D 235 10.24 10.75 5.89
N PRO D 236 9.44 9.92 6.61
CA PRO D 236 9.21 8.50 6.27
C PRO D 236 8.14 8.32 5.16
N ALA D 237 8.35 7.44 4.21
CA ALA D 237 7.33 7.33 3.21
C ALA D 237 6.11 6.48 3.70
N GLY D 238 6.33 5.70 4.75
CA GLY D 238 5.33 4.75 5.17
C GLY D 238 5.76 3.31 4.92
N ASP D 239 6.98 3.12 4.45
CA ASP D 239 7.40 1.80 4.00
C ASP D 239 8.89 1.45 4.28
N ARG D 240 9.32 1.52 5.52
CA ARG D 240 10.76 1.47 5.82
C ARG D 240 11.59 2.58 5.14
N THR D 241 11.11 3.15 4.02
CA THR D 241 11.85 4.22 3.32
C THR D 241 11.51 5.66 3.72
N PHE D 242 12.39 6.57 3.31
CA PHE D 242 12.28 7.98 3.61
C PHE D 242 12.40 8.79 2.36
N GLN D 243 11.90 10.01 2.49
CA GLN D 243 12.12 11.04 1.50
C GLN D 243 12.70 12.33 2.12
N LYS D 244 12.89 13.32 1.25
CA LYS D 244 13.42 14.65 1.55
C LYS D 244 13.52 15.39 0.20
N TRP D 245 13.10 16.65 0.16
CA TRP D 245 13.42 17.46 -1.00
C TRP D 245 14.17 18.73 -0.62
N ALA D 246 15.06 19.14 -1.51
CA ALA D 246 15.62 20.48 -1.50
C ALA D 246 14.98 21.31 -2.65
N ALA D 247 14.67 22.58 -2.40
CA ALA D 247 14.08 23.42 -3.43
C ALA D 247 14.65 24.85 -3.40
N VAL D 248 14.92 25.38 -4.59
CA VAL D 248 15.46 26.73 -4.75
C VAL D 248 14.66 27.52 -5.80
N VAL D 249 14.68 28.85 -5.65
CA VAL D 249 13.90 29.72 -6.51
C VAL D 249 14.86 30.41 -7.47
N VAL D 250 14.80 30.04 -8.74
CA VAL D 250 15.71 30.60 -9.75
C VAL D 250 15.00 31.55 -10.75
N PRO D 251 15.77 32.32 -11.54
CA PRO D 251 15.22 33.07 -12.69
C PRO D 251 14.65 32.18 -13.80
N SER D 252 14.74 32.60 -15.05
CA SER D 252 14.30 31.72 -16.13
C SER D 252 15.35 31.64 -17.22
N GLY D 253 15.82 30.44 -17.50
CA GLY D 253 16.86 30.22 -18.49
C GLY D 253 18.17 29.99 -17.76
N GLU D 254 18.29 30.63 -16.62
CA GLU D 254 19.42 30.42 -15.73
C GLU D 254 19.28 29.10 -14.97
N GLU D 255 18.45 28.21 -15.49
CA GLU D 255 18.13 27.00 -14.76
C GLU D 255 19.28 25.98 -14.75
N GLN D 256 20.02 25.88 -15.85
CA GLN D 256 21.14 24.95 -15.96
C GLN D 256 22.38 25.48 -15.24
N ARG D 257 22.27 26.65 -14.61
CA ARG D 257 23.31 27.18 -13.74
C ARG D 257 23.26 26.54 -12.35
N TYR D 258 22.24 25.75 -12.10
CA TYR D 258 22.06 25.14 -10.80
C TYR D 258 22.26 23.63 -10.88
N THR D 259 22.71 23.05 -9.78
CA THR D 259 22.85 21.60 -9.71
C THR D 259 22.42 21.09 -8.35
N CYS D 260 21.83 19.91 -8.32
CA CYS D 260 21.48 19.35 -7.05
C CYS D 260 22.45 18.25 -6.67
N HIS D 261 22.92 18.29 -5.41
CA HIS D 261 23.97 17.40 -4.94
C HIS D 261 23.52 16.46 -3.84
N VAL D 262 23.36 15.18 -4.20
CA VAL D 262 22.92 14.16 -3.26
C VAL D 262 24.11 13.37 -2.69
N GLN D 263 24.17 13.24 -1.36
CA GLN D 263 25.12 12.30 -0.74
C GLN D 263 24.35 11.30 0.12
N HIS D 264 24.56 10.03 -0.15
CA HIS D 264 23.90 8.97 0.58
C HIS D 264 24.79 7.76 0.68
N GLU D 265 24.74 7.06 1.80
CA GLU D 265 25.63 5.91 2.01
C GLU D 265 25.29 4.71 1.10
N GLY D 266 24.26 4.83 0.28
CA GLY D 266 23.92 3.81 -0.71
C GLY D 266 24.47 4.09 -2.11
N LEU D 267 24.98 5.32 -2.26
CA LEU D 267 25.55 5.78 -3.52
C LEU D 267 27.07 5.61 -3.57
N PRO D 268 27.55 4.98 -4.65
CA PRO D 268 28.98 4.75 -4.92
C PRO D 268 29.75 6.08 -4.86
N LYS D 269 29.33 7.03 -5.68
CA LYS D 269 29.89 8.36 -5.64
C LYS D 269 28.70 9.28 -5.50
N PRO D 270 28.90 10.49 -4.90
CA PRO D 270 27.87 11.54 -4.80
C PRO D 270 27.18 11.87 -6.15
N LEU D 271 25.94 12.35 -6.09
CA LEU D 271 25.20 12.68 -7.31
C LEU D 271 25.27 14.17 -7.62
N THR D 272 24.99 14.50 -8.87
CA THR D 272 24.95 15.88 -9.34
C THR D 272 23.97 15.91 -10.50
N LEU D 273 22.75 16.36 -10.25
CA LEU D 273 21.77 16.41 -11.35
C LEU D 273 21.16 17.78 -11.48
N ARG D 274 20.92 18.16 -12.72
CA ARG D 274 20.25 19.42 -12.97
C ARG D 274 18.93 19.09 -13.61
N TRP D 275 18.23 20.13 -14.06
CA TRP D 275 16.90 19.97 -14.61
C TRP D 275 16.96 19.52 -16.08
N GLU D 276 16.34 18.38 -16.36
CA GLU D 276 16.25 17.83 -17.73
C GLU D 276 14.85 18.03 -18.34
N PRO D 277 14.70 19.05 -19.21
CA PRO D 277 13.41 19.51 -19.72
C PRO D 277 12.78 18.57 -20.73
N ILE E 2 9.60 23.11 27.89
CA ILE E 2 8.47 22.26 28.26
C ILE E 2 7.59 21.92 27.06
N GLN E 3 7.06 22.93 26.34
CA GLN E 3 6.09 22.69 25.25
C GLN E 3 6.58 22.96 23.81
N ARG E 4 6.25 22.06 22.89
CA ARG E 4 6.62 22.27 21.48
C ARG E 4 5.46 22.19 20.43
N THR E 5 5.44 23.13 19.49
CA THR E 5 4.41 23.14 18.47
C THR E 5 4.78 22.32 17.24
N PRO E 6 3.86 21.45 16.80
CA PRO E 6 4.15 20.43 15.77
C PRO E 6 4.49 21.00 14.37
N LYS E 7 5.42 20.36 13.66
CA LYS E 7 5.60 20.54 12.21
C LYS E 7 4.72 19.51 11.51
N ILE E 8 4.21 19.88 10.32
CA ILE E 8 3.36 18.99 9.48
C ILE E 8 3.85 18.88 8.03
N GLN E 9 4.08 17.67 7.56
CA GLN E 9 4.31 17.55 6.14
C GLN E 9 3.25 16.62 5.58
N VAL E 10 2.69 16.95 4.42
CA VAL E 10 1.74 16.05 3.81
C VAL E 10 2.23 15.68 2.44
N TYR E 11 2.31 14.39 2.20
CA TYR E 11 2.93 13.90 0.97
C TYR E 11 2.37 12.53 0.59
N SER E 12 2.96 11.94 -0.45
CA SER E 12 2.60 10.57 -0.87
C SER E 12 3.80 9.62 -0.84
N ARG E 13 3.50 8.36 -0.62
CA ARG E 13 4.55 7.37 -0.50
C ARG E 13 5.26 7.25 -1.85
N HIS E 14 4.46 7.36 -2.90
CA HIS E 14 4.94 7.18 -4.24
C HIS E 14 4.54 8.38 -5.01
N PRO E 15 5.42 8.84 -5.90
CA PRO E 15 5.11 9.89 -6.87
C PRO E 15 3.68 9.71 -7.44
N ALA E 16 2.76 10.59 -7.00
CA ALA E 16 1.36 10.51 -7.38
C ALA E 16 1.11 10.61 -8.89
N GLU E 17 0.58 9.53 -9.48
CA GLU E 17 -0.12 9.59 -10.78
C GLU E 17 -1.64 9.43 -10.61
N ASN E 18 -2.40 10.21 -11.39
CA ASN E 18 -3.88 10.25 -11.30
C ASN E 18 -4.62 8.95 -11.58
N GLY E 19 -5.47 8.53 -10.66
CA GLY E 19 -6.23 7.31 -10.85
C GLY E 19 -5.51 6.09 -10.32
N LYS E 20 -4.18 6.18 -10.13
CA LYS E 20 -3.36 5.07 -9.58
C LYS E 20 -3.28 5.15 -8.05
N SER E 21 -3.59 4.01 -7.40
CA SER E 21 -3.62 3.90 -5.93
C SER E 21 -2.26 4.15 -5.23
N ASN E 22 -2.34 4.67 -4.01
CA ASN E 22 -1.18 5.20 -3.32
C ASN E 22 -1.44 5.32 -1.82
N PHE E 23 -0.51 5.95 -1.12
CA PHE E 23 -0.68 6.24 0.30
C PHE E 23 -0.42 7.70 0.61
N LEU E 24 -1.37 8.34 1.31
CA LEU E 24 -1.30 9.78 1.70
C LEU E 24 -0.73 9.92 3.10
N ASN E 25 0.40 10.61 3.17
CA ASN E 25 1.11 10.64 4.43
C ASN E 25 0.98 11.99 5.12
N CYS E 26 0.88 11.96 6.45
CA CYS E 26 1.00 13.16 7.28
C CYS E 26 2.02 12.97 8.42
N TYR E 27 3.16 13.66 8.31
CA TYR E 27 4.24 13.54 9.28
C TYR E 27 4.29 14.67 10.30
N VAL E 28 3.60 14.49 11.43
CA VAL E 28 3.69 15.49 12.49
C VAL E 28 4.90 15.27 13.38
N SER E 29 5.76 16.27 13.50
CA SER E 29 7.01 16.11 14.22
C SER E 29 7.39 17.31 15.11
N GLY E 30 8.43 17.16 15.95
CA GLY E 30 8.99 18.25 16.75
C GLY E 30 8.08 18.91 17.78
N PHE E 31 7.17 18.13 18.37
CA PHE E 31 6.12 18.64 19.26
C PHE E 31 6.12 18.04 20.64
N HIS E 32 5.61 18.79 21.61
CA HIS E 32 5.58 18.37 23.02
C HIS E 32 4.50 19.13 23.75
N PRO E 33 3.67 18.44 24.54
CA PRO E 33 3.64 17.01 24.88
C PRO E 33 3.19 16.11 23.75
N SER E 34 2.94 14.84 24.07
CA SER E 34 2.71 13.83 23.06
C SER E 34 1.23 13.78 22.63
N ASP E 35 0.33 14.31 23.43
CA ASP E 35 -1.07 14.34 23.07
C ASP E 35 -1.20 15.25 21.86
N ILE E 36 -1.68 14.70 20.74
CA ILE E 36 -1.85 15.46 19.49
C ILE E 36 -3.09 14.91 18.81
N GLU E 37 -3.62 15.60 17.82
CA GLU E 37 -4.73 15.01 17.07
C GLU E 37 -4.58 15.19 15.57
N VAL E 38 -4.53 14.08 14.83
CA VAL E 38 -4.29 14.14 13.37
C VAL E 38 -5.42 13.48 12.58
N ASP E 39 -6.02 14.21 11.65
CA ASP E 39 -7.13 13.69 10.85
C ASP E 39 -6.75 13.72 9.36
N LEU E 40 -6.85 12.58 8.63
CA LEU E 40 -6.68 12.67 7.17
C LEU E 40 -8.01 13.01 6.49
N LEU E 41 -8.00 14.02 5.61
CA LEU E 41 -9.21 14.51 4.94
C LEU E 41 -9.22 14.38 3.40
N LYS E 42 -10.35 13.90 2.86
CA LYS E 42 -10.65 13.90 1.43
C LYS E 42 -11.90 14.74 1.17
N ASN E 43 -11.72 15.88 0.52
CA ASN E 43 -12.78 16.88 0.32
C ASN E 43 -13.40 17.32 1.65
N GLY E 44 -12.53 17.61 2.61
CA GLY E 44 -12.98 18.11 3.90
C GLY E 44 -13.59 17.08 4.82
N GLU E 45 -13.79 15.87 4.33
CA GLU E 45 -14.30 14.83 5.19
C GLU E 45 -13.16 13.91 5.62
N ARG E 46 -13.15 13.48 6.87
CA ARG E 46 -12.08 12.58 7.29
C ARG E 46 -12.22 11.17 6.73
N ILE E 47 -11.08 10.65 6.28
CA ILE E 47 -11.00 9.34 5.66
C ILE E 47 -11.22 8.27 6.75
N GLU E 48 -12.05 7.28 6.43
CA GLU E 48 -12.41 6.19 7.34
C GLU E 48 -11.24 5.40 7.88
N LYS E 49 -10.53 4.70 7.00
CA LYS E 49 -9.36 3.90 7.41
C LYS E 49 -8.06 4.73 7.47
N VAL E 50 -7.67 5.18 8.66
CA VAL E 50 -6.43 5.96 8.84
C VAL E 50 -5.62 5.36 9.99
N GLU E 51 -4.37 5.02 9.72
CA GLU E 51 -3.50 4.47 10.76
C GLU E 51 -2.27 5.32 11.00
N HIS E 52 -1.68 5.19 12.19
CA HIS E 52 -0.50 5.96 12.56
C HIS E 52 0.75 5.13 12.89
N SER E 53 1.87 5.79 13.19
CA SER E 53 3.02 5.01 13.59
C SER E 53 2.85 4.68 15.04
N ASP E 54 3.94 4.25 15.66
CA ASP E 54 3.99 4.12 17.10
C ASP E 54 4.71 5.37 17.58
N LEU E 55 4.44 5.77 18.81
CA LEU E 55 4.95 7.03 19.26
C LEU E 55 6.43 6.90 19.62
N SER E 56 7.31 7.52 18.83
CA SER E 56 8.73 7.60 19.17
C SER E 56 9.06 9.05 19.44
N PHE E 57 10.30 9.32 19.78
CA PHE E 57 10.75 10.70 19.84
C PHE E 57 12.18 10.88 19.36
N SER E 58 12.57 12.15 19.20
CA SER E 58 13.90 12.56 18.74
C SER E 58 14.83 12.82 19.92
N LYS E 59 16.09 13.14 19.59
CA LYS E 59 17.12 13.32 20.60
C LYS E 59 16.86 14.54 21.51
N ASP E 60 16.22 15.58 20.95
CA ASP E 60 15.75 16.75 21.72
C ASP E 60 14.38 16.52 22.37
N TRP E 61 13.95 15.26 22.40
CA TRP E 61 12.81 14.76 23.18
C TRP E 61 11.52 14.97 22.48
N SER E 62 11.62 15.57 21.31
CA SER E 62 10.45 15.94 20.51
C SER E 62 9.85 14.71 19.82
N PHE E 63 8.60 14.40 20.13
CA PHE E 63 7.87 13.35 19.47
C PHE E 63 7.71 13.53 17.95
N TYR E 64 7.52 12.41 17.28
CA TYR E 64 7.09 12.40 15.90
C TYR E 64 6.09 11.25 15.76
N LEU E 65 5.15 11.43 14.83
CA LEU E 65 4.13 10.44 14.42
C LEU E 65 3.90 10.50 12.90
N LEU E 66 3.60 9.36 12.31
CA LEU E 66 3.18 9.30 10.90
C LEU E 66 1.78 8.74 10.78
N TYR E 67 0.88 9.54 10.20
CA TYR E 67 -0.47 9.13 9.82
C TYR E 67 -0.44 8.87 8.31
N TYR E 68 -1.07 7.76 7.87
CA TYR E 68 -1.13 7.34 6.46
C TYR E 68 -2.43 6.60 6.15
N THR E 69 -2.86 6.70 4.90
CA THR E 69 -4.08 6.04 4.43
C THR E 69 -4.02 5.76 2.94
N GLU E 70 -4.72 4.72 2.49
CA GLU E 70 -4.80 4.43 1.04
C GLU E 70 -5.69 5.47 0.38
N PHE E 71 -5.22 5.99 -0.75
CA PHE E 71 -5.96 7.05 -1.42
C PHE E 71 -5.66 7.11 -2.93
N THR E 72 -6.67 7.28 -3.74
CA THR E 72 -6.39 7.47 -5.15
C THR E 72 -6.44 8.95 -5.47
N PRO E 73 -5.29 9.50 -5.88
CA PRO E 73 -5.26 10.93 -6.24
C PRO E 73 -6.01 11.27 -7.54
N THR E 74 -7.00 12.14 -7.49
CA THR E 74 -7.52 12.59 -8.76
C THR E 74 -7.20 14.06 -8.89
N GLU E 75 -7.63 14.65 -10.00
CA GLU E 75 -7.39 16.06 -10.32
C GLU E 75 -8.51 17.03 -9.86
N LYS E 76 -9.66 16.49 -9.47
CA LYS E 76 -10.68 17.34 -8.88
C LYS E 76 -10.81 17.18 -7.36
N ASP E 77 -10.21 16.12 -6.79
CA ASP E 77 -10.23 15.79 -5.33
C ASP E 77 -9.19 16.57 -4.47
N GLU E 78 -9.58 16.95 -3.26
CA GLU E 78 -8.70 17.74 -2.37
C GLU E 78 -8.33 16.91 -1.12
N TYR E 79 -7.06 16.61 -0.93
CA TYR E 79 -6.67 15.78 0.22
C TYR E 79 -5.88 16.67 1.16
N ALA E 80 -6.16 16.58 2.47
CA ALA E 80 -5.56 17.46 3.45
C ALA E 80 -5.44 16.81 4.84
N CYS E 81 -4.56 17.40 5.65
CA CYS E 81 -4.27 16.93 7.00
C CYS E 81 -4.69 17.93 8.05
N ARG E 82 -5.43 17.49 9.06
CA ARG E 82 -5.90 18.35 10.15
C ARG E 82 -5.24 17.99 11.49
N VAL E 83 -4.23 18.77 11.84
CA VAL E 83 -3.56 18.69 13.12
C VAL E 83 -4.14 19.71 14.13
N ASN E 84 -4.54 19.21 15.30
CA ASN E 84 -4.90 20.07 16.42
C ASN E 84 -4.11 19.62 17.67
N HIS E 85 -3.19 20.47 18.16
CA HIS E 85 -2.34 20.20 19.36
C HIS E 85 -2.59 21.31 20.38
N VAL E 86 -2.12 21.17 21.62
CA VAL E 86 -2.43 22.14 22.69
C VAL E 86 -1.77 23.49 22.42
N THR E 87 -0.65 23.47 21.72
CA THR E 87 0.12 24.67 21.45
C THR E 87 -0.52 25.54 20.34
N LEU E 88 -1.55 25.05 19.65
CA LEU E 88 -2.13 25.79 18.50
C LEU E 88 -3.32 26.61 18.93
N SER E 89 -3.48 27.78 18.26
CA SER E 89 -4.60 28.71 18.47
C SER E 89 -5.90 28.10 18.02
N GLN E 90 -5.90 27.61 16.80
CA GLN E 90 -6.98 26.80 16.29
C GLN E 90 -6.35 25.77 15.33
N PRO E 91 -6.96 24.56 15.19
CA PRO E 91 -6.50 23.42 14.35
C PRO E 91 -5.84 23.87 13.04
N LYS E 92 -4.68 23.33 12.70
CA LYS E 92 -4.00 23.75 11.47
C LYS E 92 -4.32 22.80 10.35
N ILE E 93 -4.45 23.31 9.13
CA ILE E 93 -4.76 22.47 7.97
C ILE E 93 -3.76 22.64 6.79
N VAL E 94 -2.95 21.61 6.57
CA VAL E 94 -2.03 21.55 5.42
C VAL E 94 -2.65 20.71 4.31
N LYS E 95 -2.65 21.24 3.08
CA LYS E 95 -3.15 20.51 1.90
C LYS E 95 -2.07 19.65 1.20
N TRP E 96 -2.50 18.54 0.63
CA TRP E 96 -1.56 17.77 -0.15
C TRP E 96 -1.32 18.44 -1.49
N ASP E 97 -0.07 18.50 -1.89
CA ASP E 97 0.32 19.14 -3.14
C ASP E 97 1.32 18.21 -3.77
N ARG E 98 0.95 17.62 -4.91
CA ARG E 98 1.73 16.54 -5.55
C ARG E 98 3.12 16.98 -6.01
N ASP E 99 3.36 18.29 -5.98
CA ASP E 99 4.68 18.83 -6.28
C ASP E 99 5.56 19.01 -5.00
N MET E 100 4.97 18.80 -3.81
CA MET E 100 5.71 18.87 -2.55
C MET E 100 5.52 17.60 -1.73
N THR F 1 17.33 -8.45 24.75
CA THR F 1 16.08 -8.24 25.44
C THR F 1 16.18 -6.90 26.12
N ALA F 2 15.16 -6.52 26.88
CA ALA F 2 15.15 -5.19 27.50
C ALA F 2 15.66 -5.12 28.94
N PHE F 3 15.49 -3.92 29.53
CA PHE F 3 16.01 -3.51 30.85
C PHE F 3 14.94 -2.82 31.70
N THR F 4 14.59 -3.49 32.80
CA THR F 4 13.59 -2.98 33.72
C THR F 4 14.01 -1.60 34.19
N ILE F 5 13.10 -0.65 34.07
CA ILE F 5 13.37 0.73 34.46
C ILE F 5 13.32 0.93 35.95
N PRO F 6 14.36 1.58 36.50
CA PRO F 6 14.27 1.93 37.90
C PRO F 6 13.44 3.22 38.09
N SER F 7 12.87 3.30 39.29
CA SER F 7 12.10 4.43 39.74
C SER F 7 12.97 5.64 39.98
N ILE F 8 12.70 6.70 39.22
CA ILE F 8 13.07 8.09 39.56
C ILE F 8 13.48 8.52 41.07
#